data_4X0S
# 
_entry.id   4X0S 
# 
_audit_conform.dict_name       mmcif_pdbx.dic 
_audit_conform.dict_version    5.403 
_audit_conform.dict_location   http://mmcif.pdb.org/dictionaries/ascii/mmcif_pdbx.dic 
# 
loop_
_database_2.database_id 
_database_2.database_code 
_database_2.pdbx_database_accession 
_database_2.pdbx_DOI 
PDB   4X0S         pdb_00004x0s 10.2210/pdb4x0s/pdb 
WWPDB D_1000204882 ?            ?                   
# 
loop_
_pdbx_audit_revision_history.ordinal 
_pdbx_audit_revision_history.data_content_type 
_pdbx_audit_revision_history.major_revision 
_pdbx_audit_revision_history.minor_revision 
_pdbx_audit_revision_history.revision_date 
_pdbx_audit_revision_history.part_number 
1 'Structure model' 1 0 2015-05-06 ? 
2 'Structure model' 1 1 2015-05-13 ? 
3 'Structure model' 1 2 2015-06-03 ? 
4 'Structure model' 1 3 2017-09-06 ? 
5 'Structure model' 2 0 2019-12-25 ? 
6 'Structure model' 2 1 2025-04-02 ? 
# 
_pdbx_audit_revision_details.ordinal             1 
_pdbx_audit_revision_details.revision_ordinal    1 
_pdbx_audit_revision_details.data_content_type   'Structure model' 
_pdbx_audit_revision_details.provider            repository 
_pdbx_audit_revision_details.type                'Initial release' 
_pdbx_audit_revision_details.description         ? 
_pdbx_audit_revision_details.details             ? 
# 
loop_
_pdbx_audit_revision_group.ordinal 
_pdbx_audit_revision_group.revision_ordinal 
_pdbx_audit_revision_group.data_content_type 
_pdbx_audit_revision_group.group 
1  2 'Structure model' 'Database references'        
2  3 'Structure model' 'Database references'        
3  4 'Structure model' Advisory                     
4  4 'Structure model' 'Author supporting evidence' 
5  4 'Structure model' 'Derived calculations'       
6  4 'Structure model' 'Source and taxonomy'        
7  5 'Structure model' 'Atomic model'               
8  5 'Structure model' 'Author supporting evidence' 
9  5 'Structure model' 'Derived calculations'       
10 6 'Structure model' 'Data collection'            
11 6 'Structure model' 'Database references'        
12 6 'Structure model' 'Derived calculations'       
13 6 'Structure model' 'Structure summary'          
# 
loop_
_pdbx_audit_revision_category.ordinal 
_pdbx_audit_revision_category.revision_ordinal 
_pdbx_audit_revision_category.data_content_type 
_pdbx_audit_revision_category.category 
1  4 'Structure model' pdbx_audit_support            
2  4 'Structure model' pdbx_entity_src_syn           
3  4 'Structure model' pdbx_struct_oper_list         
4  4 'Structure model' pdbx_validate_polymer_linkage 
5  5 'Structure model' atom_site                     
6  5 'Structure model' pdbx_audit_support            
7  5 'Structure model' pdbx_struct_special_symmetry  
8  6 'Structure model' chem_comp_atom                
9  6 'Structure model' chem_comp_bond                
10 6 'Structure model' database_2                    
11 6 'Structure model' pdbx_entry_details            
12 6 'Structure model' pdbx_modification_feature     
13 6 'Structure model' struct_conn                   
# 
loop_
_pdbx_audit_revision_item.ordinal 
_pdbx_audit_revision_item.revision_ordinal 
_pdbx_audit_revision_item.data_content_type 
_pdbx_audit_revision_item.item 
1  4 'Structure model' '_pdbx_audit_support.funding_organization'  
2  4 'Structure model' '_pdbx_entity_src_syn.pdbx_alt_source_flag' 
3  4 'Structure model' '_pdbx_struct_oper_list.symmetry_operation' 
4  5 'Structure model' '_atom_site.occupancy'                      
5  5 'Structure model' '_pdbx_audit_support.funding_organization'  
6  6 'Structure model' '_database_2.pdbx_DOI'                      
7  6 'Structure model' '_database_2.pdbx_database_accession'       
8  6 'Structure model' '_struct_conn.pdbx_dist_value'              
9  6 'Structure model' '_struct_conn.ptnr1_label_atom_id'          
10 6 'Structure model' '_struct_conn.ptnr2_auth_comp_id'           
11 6 'Structure model' '_struct_conn.ptnr2_auth_seq_id'            
12 6 'Structure model' '_struct_conn.ptnr2_label_atom_id'          
13 6 'Structure model' '_struct_conn.ptnr2_label_comp_id'          
14 6 'Structure model' '_struct_conn.ptnr2_label_seq_id'           
# 
_pdbx_database_status.status_code                     REL 
_pdbx_database_status.status_code_sf                  REL 
_pdbx_database_status.status_code_mr                  ? 
_pdbx_database_status.entry_id                        4X0S 
_pdbx_database_status.recvd_initial_deposition_date   2014-11-23 
_pdbx_database_status.SG_entry                        N 
_pdbx_database_status.deposit_site                    RCSB 
_pdbx_database_status.process_site                    RCSB 
_pdbx_database_status.status_code_cs                  ? 
_pdbx_database_status.methods_development_category    ? 
_pdbx_database_status.pdb_format_compatible           Y 
_pdbx_database_status.status_code_nmr_data            ? 
# 
loop_
_audit_author.name 
_audit_author.pdbx_ordinal 
'Spencer, R.K.'  1 
'Salveson, P.J.' 2 
'Nowick, J.S.'   3 
# 
_citation.abstract                  ? 
_citation.abstract_id_CAS           ? 
_citation.book_id_ISBN              ? 
_citation.book_publisher            ? 
_citation.book_publisher_city       ? 
_citation.book_title                ? 
_citation.coordinate_linkage        ? 
_citation.country                   US 
_citation.database_id_Medline       ? 
_citation.details                   ? 
_citation.id                        primary 
_citation.journal_abbrev            J.Am.Chem.Soc. 
_citation.journal_id_ASTM           JACSAT 
_citation.journal_id_CSD            ? 
_citation.journal_id_ISSN           1520-5126 
_citation.journal_full              ? 
_citation.journal_issue             ? 
_citation.journal_volume            137 
_citation.language                  ? 
_citation.page_first                6304 
_citation.page_last                 6311 
_citation.title                     'X-ray Crystallographic Structures of Oligomers of Peptides Derived from beta 2-Microglobulin.' 
_citation.year                      2015 
_citation.database_id_CSD           ? 
_citation.pdbx_database_id_DOI      10.1021/jacs.5b01673 
_citation.pdbx_database_id_PubMed   25915729 
_citation.unpublished_flag          ? 
# 
loop_
_citation_author.citation_id 
_citation_author.name 
_citation_author.ordinal 
_citation_author.identifier_ORCID 
primary 'Spencer, R.K.'  1 ? 
primary 'Kreutzer, A.G.' 2 ? 
primary 'Salveson, P.J.' 3 ? 
primary 'Li, H.'         4 ? 
primary 'Nowick, J.S.'   5 ? 
# 
loop_
_entity.id 
_entity.type 
_entity.src_method 
_entity.pdbx_description 
_entity.formula_weight 
_entity.pdbx_number_of_molecules 
_entity.pdbx_ec 
_entity.pdbx_mutation 
_entity.pdbx_fragment 
_entity.details 
1 polymer     syn ORN-TYR-LEU-LEU-PHI-TYR-VAL-GLU-ORN-LYS-VAL-ALA-MAA-ALA-VAL-LYS 1984.167 1 ? ? ? ? 
2 non-polymer syn 'CHLORIDE ION'                                                  35.453   1 ? ? ? ? 
3 non-polymer syn 'SULFATE ION'                                                   96.063   1 ? ? ? ? 
4 non-polymer syn 'SODIUM ION'                                                    22.990   1 ? ? ? ? 
# 
_entity_poly.entity_id                      1 
_entity_poly.type                           'polypeptide(L)' 
_entity_poly.nstd_linkage                   no 
_entity_poly.nstd_monomer                   yes 
_entity_poly.pdbx_seq_one_letter_code       '(ORN)YLL(PHI)YVE(ORN)KVA(MAA)AVK' 
_entity_poly.pdbx_seq_one_letter_code_can   AYLLFYVEAKVAAAVK 
_entity_poly.pdbx_strand_id                 A 
_entity_poly.pdbx_target_identifier         ? 
# 
loop_
_pdbx_entity_nonpoly.entity_id 
_pdbx_entity_nonpoly.name 
_pdbx_entity_nonpoly.comp_id 
2 'CHLORIDE ION' CL  
3 'SULFATE ION'  SO4 
4 'SODIUM ION'   NA  
# 
loop_
_entity_poly_seq.entity_id 
_entity_poly_seq.num 
_entity_poly_seq.mon_id 
_entity_poly_seq.hetero 
1 1  ORN n 
1 2  TYR n 
1 3  LEU n 
1 4  LEU n 
1 5  PHI n 
1 6  TYR n 
1 7  VAL n 
1 8  GLU n 
1 9  ORN n 
1 10 LYS n 
1 11 VAL n 
1 12 ALA n 
1 13 MAA n 
1 14 ALA n 
1 15 VAL n 
1 16 LYS n 
# 
_pdbx_entity_src_syn.entity_id              1 
_pdbx_entity_src_syn.pdbx_src_id            1 
_pdbx_entity_src_syn.pdbx_alt_source_flag   sample 
_pdbx_entity_src_syn.pdbx_beg_seq_num       1 
_pdbx_entity_src_syn.pdbx_end_seq_num       16 
_pdbx_entity_src_syn.organism_scientific    'synthetic construct' 
_pdbx_entity_src_syn.organism_common_name   ? 
_pdbx_entity_src_syn.ncbi_taxonomy_id       32630 
_pdbx_entity_src_syn.details                'Derived from beta-2-microglobulin 63-69' 
# 
loop_
_chem_comp.id 
_chem_comp.type 
_chem_comp.mon_nstd_flag 
_chem_comp.name 
_chem_comp.pdbx_synonyms 
_chem_comp.formula 
_chem_comp.formula_weight 
ALA 'L-peptide linking' y ALANINE            ? 'C3 H7 N O2'     89.093  
CL  non-polymer         . 'CHLORIDE ION'     ? 'Cl -1'          35.453  
GLU 'L-peptide linking' y 'GLUTAMIC ACID'    ? 'C5 H9 N O4'     147.129 
LEU 'L-peptide linking' y LEUCINE            ? 'C6 H13 N O2'    131.173 
LYS 'L-peptide linking' y LYSINE             ? 'C6 H15 N2 O2 1' 147.195 
MAA 'L-peptide linking' n N-methyl-L-alanine ? 'C4 H9 N O2'     103.120 
NA  non-polymer         . 'SODIUM ION'       ? 'Na 1'           22.990  
ORN 'L-peptide linking' n L-ornithine        ? 'C5 H12 N2 O2'   132.161 
PHI 'L-peptide linking' n IODO-PHENYLALANINE ? 'C9 H10 I N O2'  291.086 
SO4 non-polymer         . 'SULFATE ION'      ? 'O4 S -2'        96.063  
TYR 'L-peptide linking' y TYROSINE           ? 'C9 H11 N O3'    181.189 
VAL 'L-peptide linking' y VALINE             ? 'C5 H11 N O2'    117.146 
# 
loop_
_pdbx_poly_seq_scheme.asym_id 
_pdbx_poly_seq_scheme.entity_id 
_pdbx_poly_seq_scheme.seq_id 
_pdbx_poly_seq_scheme.mon_id 
_pdbx_poly_seq_scheme.ndb_seq_num 
_pdbx_poly_seq_scheme.pdb_seq_num 
_pdbx_poly_seq_scheme.auth_seq_num 
_pdbx_poly_seq_scheme.pdb_mon_id 
_pdbx_poly_seq_scheme.auth_mon_id 
_pdbx_poly_seq_scheme.pdb_strand_id 
_pdbx_poly_seq_scheme.pdb_ins_code 
_pdbx_poly_seq_scheme.hetero 
A 1 1  ORN 1  1  1  ORN ORN A . n 
A 1 2  TYR 2  2  2  TYR TYR A . n 
A 1 3  LEU 3  3  3  LEU LEU A . n 
A 1 4  LEU 4  4  4  LEU LEU A . n 
A 1 5  PHI 5  5  5  PHI PHI A . n 
A 1 6  TYR 6  6  6  TYR TYR A . n 
A 1 7  VAL 7  7  7  VAL VAL A . n 
A 1 8  GLU 8  8  8  GLU GLU A . n 
A 1 9  ORN 9  9  9  ORN ORN A . n 
A 1 10 LYS 10 10 10 LYS LYS A . n 
A 1 11 VAL 11 11 11 VAL VAL A . n 
A 1 12 ALA 12 12 12 ALA ALA A . n 
A 1 13 MAA 13 13 13 MAA MAA A . n 
A 1 14 ALA 14 14 14 ALA ALA A . n 
A 1 15 VAL 15 15 15 VAL VAL A . n 
A 1 16 LYS 16 16 16 LYS LYS A . n 
# 
loop_
_pdbx_nonpoly_scheme.asym_id 
_pdbx_nonpoly_scheme.entity_id 
_pdbx_nonpoly_scheme.mon_id 
_pdbx_nonpoly_scheme.ndb_seq_num 
_pdbx_nonpoly_scheme.pdb_seq_num 
_pdbx_nonpoly_scheme.auth_seq_num 
_pdbx_nonpoly_scheme.pdb_mon_id 
_pdbx_nonpoly_scheme.auth_mon_id 
_pdbx_nonpoly_scheme.pdb_strand_id 
_pdbx_nonpoly_scheme.pdb_ins_code 
B 2 CL  1 101 1 CL  CL  A . 
C 3 SO4 1 102 1 SO4 SO4 A . 
D 4 NA  1 103 1 NA  NA  A . 
# 
loop_
_software.citation_id 
_software.classification 
_software.compiler_name 
_software.compiler_version 
_software.contact_author 
_software.contact_author_email 
_software.date 
_software.description 
_software.dependencies 
_software.hardware 
_software.language 
_software.location 
_software.mods 
_software.name 
_software.os 
_software.os_version 
_software.type 
_software.version 
_software.pdbx_ordinal 
? refinement       ? ? ? ? ? ? ? ? ? ? ? PHENIX  ? ? ? '(phenix.refine: 1.9_1692)' 1 
? 'data reduction' ? ? ? ? ? ? ? ? ? ? ? XDS     ? ? ? .                           2 
? 'data scaling'   ? ? ? ? ? ? ? ? ? ? ? Aimless ? ? ? .                           3 
? phasing          ? ? ? ? ? ? ? ? ? ? ? PHASER  ? ? ? .                           4 
# 
_cell.angle_alpha                  90.00 
_cell.angle_alpha_esd              ? 
_cell.angle_beta                   90.00 
_cell.angle_beta_esd               ? 
_cell.angle_gamma                  120.00 
_cell.angle_gamma_esd              ? 
_cell.entry_id                     4X0S 
_cell.details                      ? 
_cell.formula_units_Z              ? 
_cell.length_a                     51.065 
_cell.length_a_esd                 ? 
_cell.length_b                     51.065 
_cell.length_b_esd                 ? 
_cell.length_c                     31.423 
_cell.length_c_esd                 ? 
_cell.volume                       ? 
_cell.volume_esd                   ? 
_cell.Z_PDB                        18 
_cell.reciprocal_angle_alpha       ? 
_cell.reciprocal_angle_beta        ? 
_cell.reciprocal_angle_gamma       ? 
_cell.reciprocal_angle_alpha_esd   ? 
_cell.reciprocal_angle_beta_esd    ? 
_cell.reciprocal_angle_gamma_esd   ? 
_cell.reciprocal_length_a          ? 
_cell.reciprocal_length_b          ? 
_cell.reciprocal_length_c          ? 
_cell.reciprocal_length_a_esd      ? 
_cell.reciprocal_length_b_esd      ? 
_cell.reciprocal_length_c_esd      ? 
_cell.pdbx_unique_axis             ? 
# 
_symmetry.entry_id                         4X0S 
_symmetry.cell_setting                     ? 
_symmetry.Int_Tables_number                155 
_symmetry.space_group_name_Hall            ? 
_symmetry.space_group_name_H-M             'H 3 2' 
_symmetry.pdbx_full_space_group_name_H-M   ? 
# 
_exptl.absorpt_coefficient_mu     ? 
_exptl.absorpt_correction_T_max   ? 
_exptl.absorpt_correction_T_min   ? 
_exptl.absorpt_correction_type    ? 
_exptl.absorpt_process_details    ? 
_exptl.entry_id                   4X0S 
_exptl.crystals_number            ? 
_exptl.details                    ? 
_exptl.method                     'X-RAY DIFFRACTION' 
_exptl.method_details             ? 
# 
_exptl_crystal.colour                      ? 
_exptl_crystal.density_diffrn              ? 
_exptl_crystal.density_Matthews            1.99 
_exptl_crystal.density_method              ? 
_exptl_crystal.density_percent_sol         43.9 
_exptl_crystal.description                 ? 
_exptl_crystal.F_000                       ? 
_exptl_crystal.id                          1 
_exptl_crystal.preparation                 ? 
_exptl_crystal.size_max                    ? 
_exptl_crystal.size_mid                    ? 
_exptl_crystal.size_min                    ? 
_exptl_crystal.size_rad                    ? 
_exptl_crystal.colour_lustre               ? 
_exptl_crystal.colour_modifier             ? 
_exptl_crystal.colour_primary              ? 
_exptl_crystal.density_meas                ? 
_exptl_crystal.density_meas_esd            ? 
_exptl_crystal.density_meas_gt             ? 
_exptl_crystal.density_meas_lt             ? 
_exptl_crystal.density_meas_temp           ? 
_exptl_crystal.density_meas_temp_esd       ? 
_exptl_crystal.density_meas_temp_gt        ? 
_exptl_crystal.density_meas_temp_lt        ? 
_exptl_crystal.pdbx_crystal_image_url      ? 
_exptl_crystal.pdbx_crystal_image_format   ? 
_exptl_crystal.pdbx_mosaicity              ? 
_exptl_crystal.pdbx_mosaicity_esd          ? 
# 
_exptl_crystal_grow.apparatus       ? 
_exptl_crystal_grow.atmosphere      ? 
_exptl_crystal_grow.crystal_id      1 
_exptl_crystal_grow.details         ? 
_exptl_crystal_grow.method          'VAPOR DIFFUSION, HANGING DROP' 
_exptl_crystal_grow.method_ref      ? 
_exptl_crystal_grow.pH              8.5 
_exptl_crystal_grow.pressure        ? 
_exptl_crystal_grow.pressure_esd    ? 
_exptl_crystal_grow.seeding         ? 
_exptl_crystal_grow.seeding_ref     ? 
_exptl_crystal_grow.temp            278 
_exptl_crystal_grow.temp_details    ? 
_exptl_crystal_grow.temp_esd        ? 
_exptl_crystal_grow.time            ? 
_exptl_crystal_grow.pdbx_details    '0.1 M Tris at pH 8.5, 0.2 M Li2SO4, and PEG 400 30%' 
_exptl_crystal_grow.pdbx_pH_range   ? 
# 
_diffrn.ambient_environment    ? 
_diffrn.ambient_temp           100 
_diffrn.ambient_temp_details   ? 
_diffrn.ambient_temp_esd       ? 
_diffrn.crystal_id             1 
_diffrn.crystal_support        ? 
_diffrn.crystal_treatment      ? 
_diffrn.details                ? 
_diffrn.id                     1 
_diffrn.ambient_pressure       ? 
_diffrn.ambient_pressure_esd   ? 
_diffrn.ambient_pressure_gt    ? 
_diffrn.ambient_pressure_lt    ? 
_diffrn.ambient_temp_gt        ? 
_diffrn.ambient_temp_lt        ? 
# 
_diffrn_detector.details                      ? 
_diffrn_detector.detector                     CCD 
_diffrn_detector.diffrn_id                    1 
_diffrn_detector.type                         'RIGAKU SATURN 944+' 
_diffrn_detector.area_resol_mean              ? 
_diffrn_detector.dtime                        ? 
_diffrn_detector.pdbx_frames_total            ? 
_diffrn_detector.pdbx_collection_time_total   ? 
_diffrn_detector.pdbx_collection_date         2014-04-11 
# 
_diffrn_radiation.collimation                      ? 
_diffrn_radiation.diffrn_id                        1 
_diffrn_radiation.filter_edge                      ? 
_diffrn_radiation.inhomogeneity                    ? 
_diffrn_radiation.monochromator                    'VARIMAX VHF' 
_diffrn_radiation.polarisn_norm                    ? 
_diffrn_radiation.polarisn_ratio                   ? 
_diffrn_radiation.probe                            ? 
_diffrn_radiation.type                             ? 
_diffrn_radiation.xray_symbol                      ? 
_diffrn_radiation.wavelength_id                    1 
_diffrn_radiation.pdbx_monochromatic_or_laue_m_l   M 
_diffrn_radiation.pdbx_wavelength_list             ? 
_diffrn_radiation.pdbx_wavelength                  ? 
_diffrn_radiation.pdbx_diffrn_protocol             'SINGLE WAVELENGTH' 
_diffrn_radiation.pdbx_analyzer                    ? 
_diffrn_radiation.pdbx_scattering_type             x-ray 
# 
_diffrn_radiation_wavelength.id           1 
_diffrn_radiation_wavelength.wavelength   1.5418 
_diffrn_radiation_wavelength.wt           1.0 
# 
_diffrn_source.current                     ? 
_diffrn_source.details                     ? 
_diffrn_source.diffrn_id                   1 
_diffrn_source.power                       ? 
_diffrn_source.size                        ? 
_diffrn_source.source                      'ROTATING ANODE' 
_diffrn_source.target                      ? 
_diffrn_source.type                        'RIGAKU MICROMAX-007 HF' 
_diffrn_source.voltage                     ? 
_diffrn_source.take-off_angle              ? 
_diffrn_source.pdbx_wavelength_list        1.5418 
_diffrn_source.pdbx_wavelength             ? 
_diffrn_source.pdbx_synchrotron_beamline   ? 
_diffrn_source.pdbx_synchrotron_site       ? 
# 
_reflns.B_iso_Wilson_estimate            23.01 
_reflns.entry_id                         4X0S 
_reflns.data_reduction_details           ? 
_reflns.data_reduction_method            ? 
_reflns.d_resolution_high                2.032 
_reflns.d_resolution_low                 25.6172 
_reflns.details                          ? 
_reflns.limit_h_max                      ? 
_reflns.limit_h_min                      ? 
_reflns.limit_k_max                      ? 
_reflns.limit_k_min                      ? 
_reflns.limit_l_max                      ? 
_reflns.limit_l_min                      ? 
_reflns.number_all                       7604 
_reflns.number_obs                       1072 
_reflns.observed_criterion               ? 
_reflns.observed_criterion_F_max         ? 
_reflns.observed_criterion_F_min         ? 
_reflns.observed_criterion_I_max         ? 
_reflns.observed_criterion_I_min         ? 
_reflns.observed_criterion_sigma_F       ? 
_reflns.observed_criterion_sigma_I       ? 
_reflns.percent_possible_obs             98.89 
_reflns.R_free_details                   ? 
_reflns.Rmerge_F_all                     ? 
_reflns.Rmerge_F_obs                     ? 
_reflns.Friedel_coverage                 ? 
_reflns.number_gt                        ? 
_reflns.threshold_expression             ? 
_reflns.pdbx_redundancy                  7.1 
_reflns.pdbx_Rmerge_I_obs                0.066 
_reflns.pdbx_Rmerge_I_all                ? 
_reflns.pdbx_Rsym_value                  ? 
_reflns.pdbx_netI_over_av_sigmaI         ? 
_reflns.pdbx_netI_over_sigmaI            49.07 
_reflns.pdbx_res_netI_over_av_sigmaI_2   ? 
_reflns.pdbx_res_netI_over_sigmaI_2      ? 
_reflns.pdbx_chi_squared                 ? 
_reflns.pdbx_scaling_rejects             ? 
_reflns.pdbx_d_res_high_opt              ? 
_reflns.pdbx_d_res_low_opt               ? 
_reflns.pdbx_d_res_opt_method            ? 
_reflns.phase_calculation_details        ? 
_reflns.pdbx_Rrim_I_all                  ? 
_reflns.pdbx_Rpim_I_all                  ? 
_reflns.pdbx_d_opt                       ? 
_reflns.pdbx_number_measured_all         ? 
_reflns.pdbx_diffrn_id                   1 
_reflns.pdbx_ordinal                     1 
_reflns.pdbx_CC_half                     ? 
_reflns.pdbx_R_split                     ? 
# 
_reflns_shell.d_res_high                  2.032 
_reflns_shell.d_res_low                   2.103 
_reflns_shell.meanI_over_sigI_all         ? 
_reflns_shell.meanI_over_sigI_obs         16.4 
_reflns_shell.number_measured_all         ? 
_reflns_shell.number_measured_obs         ? 
_reflns_shell.number_possible             ? 
_reflns_shell.number_unique_all           ? 
_reflns_shell.number_unique_obs           ? 
_reflns_shell.percent_possible_all        93.33 
_reflns_shell.percent_possible_obs        ? 
_reflns_shell.Rmerge_F_all                ? 
_reflns_shell.Rmerge_F_obs                ? 
_reflns_shell.Rmerge_I_all                ? 
_reflns_shell.Rmerge_I_obs                0.1041 
_reflns_shell.meanI_over_sigI_gt          ? 
_reflns_shell.meanI_over_uI_all           ? 
_reflns_shell.meanI_over_uI_gt            ? 
_reflns_shell.number_measured_gt          ? 
_reflns_shell.number_unique_gt            ? 
_reflns_shell.percent_possible_gt         ? 
_reflns_shell.Rmerge_F_gt                 ? 
_reflns_shell.Rmerge_I_gt                 ? 
_reflns_shell.pdbx_redundancy             3.9 
_reflns_shell.pdbx_Rsym_value             ? 
_reflns_shell.pdbx_chi_squared            ? 
_reflns_shell.pdbx_netI_over_sigmaI_all   ? 
_reflns_shell.pdbx_netI_over_sigmaI_obs   ? 
_reflns_shell.pdbx_Rrim_I_all             ? 
_reflns_shell.pdbx_Rpim_I_all             ? 
_reflns_shell.pdbx_rejects                ? 
_reflns_shell.pdbx_ordinal                1 
_reflns_shell.pdbx_diffrn_id              1 
_reflns_shell.pdbx_CC_half                ? 
_reflns_shell.pdbx_R_split                ? 
# 
_refine.aniso_B[1][1]                            ? 
_refine.aniso_B[1][2]                            ? 
_refine.aniso_B[1][3]                            ? 
_refine.aniso_B[2][2]                            ? 
_refine.aniso_B[2][3]                            ? 
_refine.aniso_B[3][3]                            ? 
_refine.B_iso_max                                ? 
_refine.B_iso_mean                               ? 
_refine.B_iso_min                                ? 
_refine.correlation_coeff_Fo_to_Fc               ? 
_refine.correlation_coeff_Fo_to_Fc_free          ? 
_refine.details                                  ? 
_refine.diff_density_max                         ? 
_refine.diff_density_max_esd                     ? 
_refine.diff_density_min                         ? 
_refine.diff_density_min_esd                     ? 
_refine.diff_density_rms                         ? 
_refine.diff_density_rms_esd                     ? 
_refine.entry_id                                 4X0S 
_refine.pdbx_refine_id                           'X-RAY DIFFRACTION' 
_refine.ls_abs_structure_details                 ? 
_refine.ls_abs_structure_Flack                   ? 
_refine.ls_abs_structure_Flack_esd               ? 
_refine.ls_abs_structure_Rogers                  ? 
_refine.ls_abs_structure_Rogers_esd              ? 
_refine.ls_d_res_high                            2.032 
_refine.ls_d_res_low                             25.6172 
_refine.ls_extinction_coef                       ? 
_refine.ls_extinction_coef_esd                   ? 
_refine.ls_extinction_expression                 ? 
_refine.ls_extinction_method                     ? 
_refine.ls_goodness_of_fit_all                   ? 
_refine.ls_goodness_of_fit_all_esd               ? 
_refine.ls_goodness_of_fit_obs                   ? 
_refine.ls_goodness_of_fit_obs_esd               ? 
_refine.ls_hydrogen_treatment                    ? 
_refine.ls_matrix_type                           ? 
_refine.ls_number_constraints                    ? 
_refine.ls_number_parameters                     ? 
_refine.ls_number_reflns_all                     ? 
_refine.ls_number_reflns_obs                     1933 
_refine.ls_number_reflns_R_free                  184 
_refine.ls_number_reflns_R_work                  ? 
_refine.ls_number_restraints                     ? 
_refine.ls_percent_reflns_obs                    96.94 
_refine.ls_percent_reflns_R_free                 9.52 
_refine.ls_R_factor_all                          ? 
_refine.ls_R_factor_obs                          0.1681 
_refine.ls_R_factor_R_free                       0.2021 
_refine.ls_R_factor_R_free_error                 ? 
_refine.ls_R_factor_R_free_error_details         ? 
_refine.ls_R_factor_R_work                       0.1649 
_refine.ls_R_Fsqd_factor_obs                     ? 
_refine.ls_R_I_factor_obs                        ? 
_refine.ls_redundancy_reflns_all                 ? 
_refine.ls_redundancy_reflns_obs                 ? 
_refine.ls_restrained_S_all                      ? 
_refine.ls_restrained_S_obs                      ? 
_refine.ls_shift_over_esd_max                    ? 
_refine.ls_shift_over_esd_mean                   ? 
_refine.ls_structure_factor_coef                 ? 
_refine.ls_weighting_details                     ? 
_refine.ls_weighting_scheme                      ? 
_refine.ls_wR_factor_all                         ? 
_refine.ls_wR_factor_obs                         ? 
_refine.ls_wR_factor_R_free                      ? 
_refine.ls_wR_factor_R_work                      ? 
_refine.occupancy_max                            ? 
_refine.occupancy_min                            ? 
_refine.solvent_model_details                    'FLAT BULK SOLVENT MODEL' 
_refine.solvent_model_param_bsol                 ? 
_refine.solvent_model_param_ksol                 ? 
_refine.ls_R_factor_gt                           ? 
_refine.ls_goodness_of_fit_gt                    ? 
_refine.ls_goodness_of_fit_ref                   ? 
_refine.ls_shift_over_su_max                     ? 
_refine.ls_shift_over_su_max_lt                  ? 
_refine.ls_shift_over_su_mean                    ? 
_refine.ls_shift_over_su_mean_lt                 ? 
_refine.pdbx_ls_sigma_I                          ? 
_refine.pdbx_ls_sigma_F                          1.35 
_refine.pdbx_ls_sigma_Fsqd                       ? 
_refine.pdbx_data_cutoff_high_absF               ? 
_refine.pdbx_data_cutoff_high_rms_absF           ? 
_refine.pdbx_data_cutoff_low_absF                ? 
_refine.pdbx_isotropic_thermal_model             ? 
_refine.pdbx_ls_cross_valid_method               'FREE R-VALUE' 
_refine.pdbx_method_to_determine_struct          SAD 
_refine.pdbx_starting_model                      ? 
_refine.pdbx_stereochemistry_target_values       ML 
_refine.pdbx_R_Free_selection_details            'Phenix random selection' 
_refine.pdbx_stereochem_target_val_spec_case     ? 
_refine.pdbx_overall_ESU_R                       ? 
_refine.pdbx_overall_ESU_R_Free                  ? 
_refine.pdbx_solvent_vdw_probe_radii             1.11 
_refine.pdbx_solvent_ion_probe_radii             ? 
_refine.pdbx_solvent_shrinkage_radii             0.90 
_refine.pdbx_real_space_R                        ? 
_refine.pdbx_density_correlation                 ? 
_refine.pdbx_pd_number_of_powder_patterns        ? 
_refine.pdbx_pd_number_of_points                 ? 
_refine.pdbx_pd_meas_number_of_points            ? 
_refine.pdbx_pd_proc_ls_prof_R_factor            ? 
_refine.pdbx_pd_proc_ls_prof_wR_factor           ? 
_refine.pdbx_pd_Marquardt_correlation_coeff      ? 
_refine.pdbx_pd_Fsqrd_R_factor                   ? 
_refine.pdbx_pd_ls_matrix_band_width             ? 
_refine.pdbx_overall_phase_error                 23.92 
_refine.pdbx_overall_SU_R_free_Cruickshank_DPI   ? 
_refine.pdbx_overall_SU_R_free_Blow_DPI          ? 
_refine.pdbx_overall_SU_R_Blow_DPI               ? 
_refine.pdbx_TLS_residual_ADP_flag               ? 
_refine.pdbx_diffrn_id                           1 
_refine.overall_SU_B                             ? 
_refine.overall_SU_ML                            0.22 
_refine.overall_SU_R_Cruickshank_DPI             ? 
_refine.overall_SU_R_free                        ? 
_refine.overall_FOM_free_R_set                   ? 
_refine.overall_FOM_work_R_set                   ? 
_refine.pdbx_average_fsc_overall                 ? 
_refine.pdbx_average_fsc_work                    ? 
_refine.pdbx_average_fsc_free                    ? 
# 
_refine_hist.pdbx_refine_id                   'X-RAY DIFFRACTION' 
_refine_hist.cycle_id                         LAST 
_refine_hist.pdbx_number_atoms_protein        132 
_refine_hist.pdbx_number_atoms_nucleic_acid   0 
_refine_hist.pdbx_number_atoms_ligand         7 
_refine_hist.number_atoms_solvent             0 
_refine_hist.number_atoms_total               139 
_refine_hist.d_res_high                       2.032 
_refine_hist.d_res_low                        25.6172 
# 
loop_
_refine_ls_restr.pdbx_refine_id 
_refine_ls_restr.criterion 
_refine_ls_restr.dev_ideal 
_refine_ls_restr.dev_ideal_target 
_refine_ls_restr.number 
_refine_ls_restr.rejects 
_refine_ls_restr.type 
_refine_ls_restr.weight 
_refine_ls_restr.pdbx_restraint_function 
'X-RAY DIFFRACTION' ? 0.008  ? 148 ? f_bond_d           ? ? 
'X-RAY DIFFRACTION' ? 1.187  ? 200 ? f_angle_d          ? ? 
'X-RAY DIFFRACTION' ? 34.869 ? 69  ? f_dihedral_angle_d ? ? 
'X-RAY DIFFRACTION' ? 0.038  ? 23  ? f_chiral_restr     ? ? 
'X-RAY DIFFRACTION' ? 0.004  ? 22  ? f_plane_restr      ? ? 
# 
_refine_ls_shell.pdbx_refine_id                   'X-RAY DIFFRACTION' 
_refine_ls_shell.d_res_high                       2.0318 
_refine_ls_shell.d_res_low                        25.6172 
_refine_ls_shell.number_reflns_all                ? 
_refine_ls_shell.number_reflns_obs                ? 
_refine_ls_shell.number_reflns_R_free             184 
_refine_ls_shell.number_reflns_R_work             1749 
_refine_ls_shell.percent_reflns_obs               97.00 
_refine_ls_shell.percent_reflns_R_free            ? 
_refine_ls_shell.R_factor_all                     ? 
_refine_ls_shell.R_factor_obs                     ? 
_refine_ls_shell.R_factor_R_free                  0.2021 
_refine_ls_shell.R_factor_R_free_error            ? 
_refine_ls_shell.R_factor_R_work                  0.1649 
_refine_ls_shell.redundancy_reflns_all            ? 
_refine_ls_shell.redundancy_reflns_obs            ? 
_refine_ls_shell.wR_factor_all                    ? 
_refine_ls_shell.wR_factor_obs                    ? 
_refine_ls_shell.wR_factor_R_free                 ? 
_refine_ls_shell.wR_factor_R_work                 ? 
_refine_ls_shell.pdbx_total_number_of_bins_used   ? 
_refine_ls_shell.pdbx_phase_error                 ? 
_refine_ls_shell.pdbx_fsc_work                    ? 
_refine_ls_shell.pdbx_fsc_free                    ? 
# 
_struct.entry_id                     4X0S 
_struct.title                        'Hexamer formed by a macrocycle containing a sequence from beta-2-microglobulin (63-69).' 
_struct.pdbx_model_details           ? 
_struct.pdbx_formula_weight          ? 
_struct.pdbx_formula_weight_method   ? 
_struct.pdbx_model_type_details      ? 
_struct.pdbx_CASP_flag               ? 
# 
_struct_keywords.entry_id        4X0S 
_struct_keywords.text            'Hexamer, microglobulin, iodophenylalnine, IMMUNE SYSTEM' 
_struct_keywords.pdbx_keywords   'IMMUNE SYSTEM' 
# 
loop_
_struct_asym.id 
_struct_asym.pdbx_blank_PDB_chainid_flag 
_struct_asym.pdbx_modified 
_struct_asym.entity_id 
_struct_asym.details 
A N N 1 ? 
B N N 2 ? 
C N N 3 ? 
D N N 4 ? 
# 
_struct_ref.id                         1 
_struct_ref.db_name                    PDB 
_struct_ref.db_code                    4X0S 
_struct_ref.pdbx_db_accession          4X0S 
_struct_ref.pdbx_db_isoform            ? 
_struct_ref.entity_id                  1 
_struct_ref.pdbx_seq_one_letter_code   ? 
_struct_ref.pdbx_align_begin           1 
# 
_struct_ref_seq.align_id                      1 
_struct_ref_seq.ref_id                        1 
_struct_ref_seq.pdbx_PDB_id_code              4X0S 
_struct_ref_seq.pdbx_strand_id                A 
_struct_ref_seq.seq_align_beg                 1 
_struct_ref_seq.pdbx_seq_align_beg_ins_code   ? 
_struct_ref_seq.seq_align_end                 16 
_struct_ref_seq.pdbx_seq_align_end_ins_code   ? 
_struct_ref_seq.pdbx_db_accession             4X0S 
_struct_ref_seq.db_align_beg                  1 
_struct_ref_seq.pdbx_db_align_beg_ins_code    ? 
_struct_ref_seq.db_align_end                  16 
_struct_ref_seq.pdbx_db_align_end_ins_code    ? 
_struct_ref_seq.pdbx_auth_seq_align_beg       1 
_struct_ref_seq.pdbx_auth_seq_align_end       16 
# 
_pdbx_struct_assembly.id                   1 
_pdbx_struct_assembly.details              author_and_software_defined_assembly 
_pdbx_struct_assembly.method_details       PISA 
_pdbx_struct_assembly.oligomeric_details   hexameric 
_pdbx_struct_assembly.oligomeric_count     6 
# 
loop_
_pdbx_struct_assembly_prop.biol_id 
_pdbx_struct_assembly_prop.type 
_pdbx_struct_assembly_prop.value 
_pdbx_struct_assembly_prop.details 
1 'ABSA (A^2)' 5040 ? 
1 MORE         -213 ? 
1 'SSA (A^2)'  7960 ? 
# 
_pdbx_struct_assembly_gen.assembly_id       1 
_pdbx_struct_assembly_gen.oper_expression   1,2,3,4,5,6 
_pdbx_struct_assembly_gen.asym_id_list      A,B,C,D 
# 
loop_
_pdbx_struct_oper_list.id 
_pdbx_struct_oper_list.type 
_pdbx_struct_oper_list.name 
_pdbx_struct_oper_list.symmetry_operation 
_pdbx_struct_oper_list.matrix[1][1] 
_pdbx_struct_oper_list.matrix[1][2] 
_pdbx_struct_oper_list.matrix[1][3] 
_pdbx_struct_oper_list.vector[1] 
_pdbx_struct_oper_list.matrix[2][1] 
_pdbx_struct_oper_list.matrix[2][2] 
_pdbx_struct_oper_list.matrix[2][3] 
_pdbx_struct_oper_list.vector[2] 
_pdbx_struct_oper_list.matrix[3][1] 
_pdbx_struct_oper_list.matrix[3][2] 
_pdbx_struct_oper_list.matrix[3][3] 
_pdbx_struct_oper_list.vector[3] 
1 'identity operation'         1_555  x,y,z                  1.0000000000  0.0000000000  0.0000000000  0.0000000000  0.0000000000  1.0000000000  0.0000000000  0.0000000000  0.0000000000  0.0000000000  1.0000000000  0.0000000000   
2 'crystal symmetry operation' 2_665  -y+1,x-y+1,z           -0.4983934881 0.8661009593  0.0383804549  0.0068937813  -0.8648903233 -0.4997719221 0.0468268567  14.4472954707 0.0597382592  -0.0098566836 0.9981654102  -0.1784834371  
3 'crystal symmetry operation' 3_565  -x+y,-x+1,z            -0.4983934881 -0.8648903233 0.0597382592  12.5094241558 0.8661009593  -0.4997719221 -0.0098566836 7.2126226603  0.0383804549  0.0468268567  0.9981654102  -0.4986300278  
4 'crystal symmetry operation' 10_456 y-1/3,x+1/3,-z+4/3     0.8452518730  0.5301554150  -0.0669664635 -3.9585262051 0.5301554150  -0.8476821684 -0.0192399931 10.8371461719 -0.0669664635 -0.0192399931 -0.9975697046 -23.2818949471 
5 'crystal symmetry operation' 11_566 x-y+2/3,-y+4/3,-z+4/3  -0.8837947775 0.4677767345  -0.0095769445 3.7185651070  0.4677767345  0.8830055026  -0.0385513810 -1.4024797836 -0.0095769445 -0.0385513810 -0.9992107251 -23.3822727942 
6 'crystal symmetry operation' 12_556 -x+2/3,-x+y+1/3,-z+4/3 0.0353298809  -0.9991427854 -0.0215753062 10.4722904421 -0.9991427854 -0.0357794901 0.0208212009  11.3646671489 -0.0215753062 0.0208212009  -0.9995503908 -23.7609594431 
# 
loop_
_struct_conn.id 
_struct_conn.conn_type_id 
_struct_conn.pdbx_leaving_atom_flag 
_struct_conn.pdbx_PDB_id 
_struct_conn.ptnr1_label_asym_id 
_struct_conn.ptnr1_label_comp_id 
_struct_conn.ptnr1_label_seq_id 
_struct_conn.ptnr1_label_atom_id 
_struct_conn.pdbx_ptnr1_label_alt_id 
_struct_conn.pdbx_ptnr1_PDB_ins_code 
_struct_conn.pdbx_ptnr1_standard_comp_id 
_struct_conn.ptnr1_symmetry 
_struct_conn.ptnr2_label_asym_id 
_struct_conn.ptnr2_label_comp_id 
_struct_conn.ptnr2_label_seq_id 
_struct_conn.ptnr2_label_atom_id 
_struct_conn.pdbx_ptnr2_label_alt_id 
_struct_conn.pdbx_ptnr2_PDB_ins_code 
_struct_conn.ptnr1_auth_asym_id 
_struct_conn.ptnr1_auth_comp_id 
_struct_conn.ptnr1_auth_seq_id 
_struct_conn.ptnr2_auth_asym_id 
_struct_conn.ptnr2_auth_comp_id 
_struct_conn.ptnr2_auth_seq_id 
_struct_conn.ptnr2_symmetry 
_struct_conn.pdbx_ptnr3_label_atom_id 
_struct_conn.pdbx_ptnr3_label_seq_id 
_struct_conn.pdbx_ptnr3_label_comp_id 
_struct_conn.pdbx_ptnr3_label_asym_id 
_struct_conn.pdbx_ptnr3_label_alt_id 
_struct_conn.pdbx_ptnr3_PDB_ins_code 
_struct_conn.details 
_struct_conn.pdbx_dist_value 
_struct_conn.pdbx_value_order 
_struct_conn.pdbx_role 
covale1 covale both ? A ORN 1  C  ? ? ? 1_555 A TYR 2  N  ? ? A ORN 1   A TYR 2   1_555  ? ? ? ? ? ? ? 1.376 ? ? 
covale2 covale both ? A ORN 1  NE ? ? ? 1_555 A LYS 16 C  ? ? A ORN 1   A LYS 16  1_555  ? ? ? ? ? ? ? 1.374 ? ? 
covale3 covale both ? A LEU 4  C  ? ? ? 1_555 A PHI 5  N  ? ? A LEU 4   A PHI 5   1_555  ? ? ? ? ? ? ? 1.328 ? ? 
covale4 covale both ? A PHI 5  C  ? ? ? 1_555 A TYR 6  N  ? ? A PHI 5   A TYR 6   1_555  ? ? ? ? ? ? ? 1.325 ? ? 
covale5 covale both ? A GLU 8  C  ? ? ? 1_555 A ORN 9  NE ? ? A GLU 8   A ORN 9   1_555  ? ? ? ? ? ? ? 1.378 ? ? 
covale6 covale both ? A ORN 9  C  ? ? ? 1_555 A LYS 10 N  ? ? A ORN 9   A LYS 10  1_555  ? ? ? ? ? ? ? 1.368 ? ? 
covale7 covale both ? A ALA 12 C  ? ? ? 1_555 A MAA 13 N  ? ? A ALA 12  A MAA 13  1_555  ? ? ? ? ? ? ? 1.340 ? ? 
covale8 covale both ? A MAA 13 C  ? ? ? 1_555 A ALA 14 N  ? ? A MAA 13  A ALA 14  1_555  ? ? ? ? ? ? ? 1.322 ? ? 
metalc1 metalc ?    ? C SO4 .  O4 ? ? ? 1_555 D NA  .  NA ? ? A SO4 102 A NA  103 1_555  ? ? ? ? ? ? ? 2.567 ? ? 
metalc2 metalc ?    ? C SO4 .  O4 ? ? ? 1_555 D NA  .  NA ? ? A SO4 102 A NA  103 10_456 ? ? ? ? ? ? ? 2.568 ? ? 
# 
loop_
_struct_conn_type.id 
_struct_conn_type.criteria 
_struct_conn_type.reference 
covale ? ? 
metalc ? ? 
# 
_pdbx_struct_conn_angle.id                    1 
_pdbx_struct_conn_angle.ptnr1_label_atom_id   O4 
_pdbx_struct_conn_angle.ptnr1_label_alt_id    ? 
_pdbx_struct_conn_angle.ptnr1_label_asym_id   C 
_pdbx_struct_conn_angle.ptnr1_label_comp_id   SO4 
_pdbx_struct_conn_angle.ptnr1_label_seq_id    . 
_pdbx_struct_conn_angle.ptnr1_auth_atom_id    ? 
_pdbx_struct_conn_angle.ptnr1_auth_asym_id    A 
_pdbx_struct_conn_angle.ptnr1_auth_comp_id    SO4 
_pdbx_struct_conn_angle.ptnr1_auth_seq_id     102 
_pdbx_struct_conn_angle.ptnr1_PDB_ins_code    ? 
_pdbx_struct_conn_angle.ptnr1_symmetry        1_555 
_pdbx_struct_conn_angle.ptnr2_label_atom_id   NA 
_pdbx_struct_conn_angle.ptnr2_label_alt_id    ? 
_pdbx_struct_conn_angle.ptnr2_label_asym_id   D 
_pdbx_struct_conn_angle.ptnr2_label_comp_id   NA 
_pdbx_struct_conn_angle.ptnr2_label_seq_id    . 
_pdbx_struct_conn_angle.ptnr2_auth_atom_id    ? 
_pdbx_struct_conn_angle.ptnr2_auth_asym_id    A 
_pdbx_struct_conn_angle.ptnr2_auth_comp_id    NA 
_pdbx_struct_conn_angle.ptnr2_auth_seq_id     103 
_pdbx_struct_conn_angle.ptnr2_PDB_ins_code    ? 
_pdbx_struct_conn_angle.ptnr2_symmetry        1_555 
_pdbx_struct_conn_angle.ptnr3_label_atom_id   O4 
_pdbx_struct_conn_angle.ptnr3_label_alt_id    ? 
_pdbx_struct_conn_angle.ptnr3_label_asym_id   C 
_pdbx_struct_conn_angle.ptnr3_label_comp_id   SO4 
_pdbx_struct_conn_angle.ptnr3_label_seq_id    . 
_pdbx_struct_conn_angle.ptnr3_auth_atom_id    ? 
_pdbx_struct_conn_angle.ptnr3_auth_asym_id    A 
_pdbx_struct_conn_angle.ptnr3_auth_comp_id    SO4 
_pdbx_struct_conn_angle.ptnr3_auth_seq_id     102 
_pdbx_struct_conn_angle.ptnr3_PDB_ins_code    ? 
_pdbx_struct_conn_angle.ptnr3_symmetry        1_555 
_pdbx_struct_conn_angle.value                 0.0 
_pdbx_struct_conn_angle.value_esd             ? 
# 
loop_
_pdbx_modification_feature.ordinal 
_pdbx_modification_feature.label_comp_id 
_pdbx_modification_feature.label_asym_id 
_pdbx_modification_feature.label_seq_id 
_pdbx_modification_feature.label_alt_id 
_pdbx_modification_feature.modified_residue_label_comp_id 
_pdbx_modification_feature.modified_residue_label_asym_id 
_pdbx_modification_feature.modified_residue_label_seq_id 
_pdbx_modification_feature.modified_residue_label_alt_id 
_pdbx_modification_feature.auth_comp_id 
_pdbx_modification_feature.auth_asym_id 
_pdbx_modification_feature.auth_seq_id 
_pdbx_modification_feature.PDB_ins_code 
_pdbx_modification_feature.symmetry 
_pdbx_modification_feature.modified_residue_auth_comp_id 
_pdbx_modification_feature.modified_residue_auth_asym_id 
_pdbx_modification_feature.modified_residue_auth_seq_id 
_pdbx_modification_feature.modified_residue_PDB_ins_code 
_pdbx_modification_feature.modified_residue_symmetry 
_pdbx_modification_feature.comp_id_linking_atom 
_pdbx_modification_feature.modified_residue_id_linking_atom 
_pdbx_modification_feature.modified_residue_id 
_pdbx_modification_feature.ref_pcm_id 
_pdbx_modification_feature.ref_comp_id 
_pdbx_modification_feature.type 
_pdbx_modification_feature.category 
1 ORN A 1  ? .   . .  . ORN A 1  ? 1_555 .   . .  . .     .  .  ?   1 ORN Ornithine   'Named protein modification' 
2 PHI A 5  ? .   . .  . PHI A 5  ? 1_555 .   . .  . .     .  .  PHE 1 PHI Iodination  'Named protein modification' 
3 ORN A 9  ? .   . .  . ORN A 9  ? 1_555 .   . .  . .     .  .  ?   1 ORN Ornithine   'Named protein modification' 
4 MAA A 13 ? .   . .  . MAA A 13 ? 1_555 .   . .  . .     .  .  ALA 1 MAA Methylation 'Named protein modification' 
5 ORN A 1  ? LYS A 16 ? ORN A 1  ? 1_555 LYS A 16 ? 1_555 NE C  .   . .   None        'Non-standard linkage'       
6 GLU A 8  ? ORN A 9  ? GLU A 8  ? 1_555 ORN A 9  ? 1_555 C  NE .   . .   None        'Non-standard linkage'       
# 
_struct_sheet.id               AA1 
_struct_sheet.type             ? 
_struct_sheet.number_strands   2 
_struct_sheet.details          ? 
# 
_struct_sheet_order.sheet_id     AA1 
_struct_sheet_order.range_id_1   1 
_struct_sheet_order.range_id_2   2 
_struct_sheet_order.offset       ? 
_struct_sheet_order.sense        anti-parallel 
# 
loop_
_struct_sheet_range.sheet_id 
_struct_sheet_range.id 
_struct_sheet_range.beg_label_comp_id 
_struct_sheet_range.beg_label_asym_id 
_struct_sheet_range.beg_label_seq_id 
_struct_sheet_range.pdbx_beg_PDB_ins_code 
_struct_sheet_range.end_label_comp_id 
_struct_sheet_range.end_label_asym_id 
_struct_sheet_range.end_label_seq_id 
_struct_sheet_range.pdbx_end_PDB_ins_code 
_struct_sheet_range.beg_auth_comp_id 
_struct_sheet_range.beg_auth_asym_id 
_struct_sheet_range.beg_auth_seq_id 
_struct_sheet_range.end_auth_comp_id 
_struct_sheet_range.end_auth_asym_id 
_struct_sheet_range.end_auth_seq_id 
AA1 1 TYR A 2  ? VAL A 7  ? TYR A 2  VAL A 7  
AA1 2 VAL A 11 ? LYS A 16 ? VAL A 11 LYS A 16 
# 
_pdbx_struct_sheet_hbond.sheet_id                AA1 
_pdbx_struct_sheet_hbond.range_id_1              1 
_pdbx_struct_sheet_hbond.range_id_2              2 
_pdbx_struct_sheet_hbond.range_1_label_atom_id   N 
_pdbx_struct_sheet_hbond.range_1_label_comp_id   TYR 
_pdbx_struct_sheet_hbond.range_1_label_asym_id   A 
_pdbx_struct_sheet_hbond.range_1_label_seq_id    6 
_pdbx_struct_sheet_hbond.range_1_PDB_ins_code    ? 
_pdbx_struct_sheet_hbond.range_1_auth_atom_id    N 
_pdbx_struct_sheet_hbond.range_1_auth_comp_id    TYR 
_pdbx_struct_sheet_hbond.range_1_auth_asym_id    A 
_pdbx_struct_sheet_hbond.range_1_auth_seq_id     6 
_pdbx_struct_sheet_hbond.range_2_label_atom_id   O 
_pdbx_struct_sheet_hbond.range_2_label_comp_id   ALA 
_pdbx_struct_sheet_hbond.range_2_label_asym_id   A 
_pdbx_struct_sheet_hbond.range_2_label_seq_id    12 
_pdbx_struct_sheet_hbond.range_2_PDB_ins_code    ? 
_pdbx_struct_sheet_hbond.range_2_auth_atom_id    O 
_pdbx_struct_sheet_hbond.range_2_auth_comp_id    ALA 
_pdbx_struct_sheet_hbond.range_2_auth_asym_id    A 
_pdbx_struct_sheet_hbond.range_2_auth_seq_id     12 
# 
loop_
_struct_site.id 
_struct_site.pdbx_evidence_code 
_struct_site.pdbx_auth_asym_id 
_struct_site.pdbx_auth_comp_id 
_struct_site.pdbx_auth_seq_id 
_struct_site.pdbx_auth_ins_code 
_struct_site.pdbx_num_residues 
_struct_site.details 
AC1 Software A SO4 102 ? 10 'binding site for residue SO4 A 102' 
AC2 Software A NA  103 ? 6  'binding site for residue NA A 103'  
# 
loop_
_struct_site_gen.id 
_struct_site_gen.site_id 
_struct_site_gen.pdbx_num_res 
_struct_site_gen.label_comp_id 
_struct_site_gen.label_asym_id 
_struct_site_gen.label_seq_id 
_struct_site_gen.pdbx_auth_ins_code 
_struct_site_gen.auth_comp_id 
_struct_site_gen.auth_asym_id 
_struct_site_gen.auth_seq_id 
_struct_site_gen.label_atom_id 
_struct_site_gen.label_alt_id 
_struct_site_gen.symmetry 
_struct_site_gen.details 
1  AC1 10 ORN A 9  ? ORN A 9   . ? 1_555  ? 
2  AC1 10 ORN A 9  ? ORN A 9   . ? 12_556 ? 
3  AC1 10 LYS A 10 ? LYS A 10  . ? 12_556 ? 
4  AC1 10 LYS A 10 ? LYS A 10  . ? 3_565  ? 
5  AC1 10 NA  D .  ? NA  A 103 . ? 3_565  ? 
6  AC1 10 NA  D .  ? NA  A 103 . ? 2_665  ? 
7  AC1 10 NA  D .  ? NA  A 103 . ? 10_456 ? 
8  AC1 10 NA  D .  ? NA  A 103 . ? 11_566 ? 
9  AC1 10 NA  D .  ? NA  A 103 . ? 12_556 ? 
10 AC1 10 NA  D .  ? NA  A 103 . ? 1_555  ? 
11 AC2 6  SO4 C .  ? SO4 A 102 . ? 1_555  ? 
12 AC2 6  SO4 C .  ? SO4 A 102 . ? 2_665  ? 
13 AC2 6  SO4 C .  ? SO4 A 102 . ? 3_565  ? 
14 AC2 6  SO4 C .  ? SO4 A 102 . ? 10_456 ? 
15 AC2 6  SO4 C .  ? SO4 A 102 . ? 11_566 ? 
16 AC2 6  SO4 C .  ? SO4 A 102 . ? 12_556 ? 
# 
_pdbx_entry_details.entry_id                   4X0S 
_pdbx_entry_details.compound_details           ? 
_pdbx_entry_details.source_details             ? 
_pdbx_entry_details.nonpolymer_details         ? 
_pdbx_entry_details.sequence_details           ? 
_pdbx_entry_details.has_ligand_of_interest     ? 
_pdbx_entry_details.has_protein_modification   Y 
# 
loop_
_pdbx_struct_special_symmetry.id 
_pdbx_struct_special_symmetry.PDB_model_num 
_pdbx_struct_special_symmetry.auth_asym_id 
_pdbx_struct_special_symmetry.auth_comp_id 
_pdbx_struct_special_symmetry.auth_seq_id 
_pdbx_struct_special_symmetry.PDB_ins_code 
_pdbx_struct_special_symmetry.label_asym_id 
_pdbx_struct_special_symmetry.label_comp_id 
_pdbx_struct_special_symmetry.label_seq_id 
1 1 A CL  101 ? B CL  . 
2 1 A SO4 102 ? C SO4 . 
3 1 A SO4 102 ? C SO4 . 
4 1 A NA  103 ? D NA  . 
# 
_pdbx_refine_tls.id               1 
_pdbx_refine_tls.pdbx_refine_id   'X-RAY DIFFRACTION' 
_pdbx_refine_tls.details          ? 
_pdbx_refine_tls.method           refined 
_pdbx_refine_tls.origin_x         -0.2319 
_pdbx_refine_tls.origin_y         0.1147 
_pdbx_refine_tls.origin_z         0.3537 
_pdbx_refine_tls.T[1][1]          0.3854 
_pdbx_refine_tls.T[1][1]_esd      ? 
_pdbx_refine_tls.T[1][2]          -0.0598 
_pdbx_refine_tls.T[1][2]_esd      ? 
_pdbx_refine_tls.T[1][3]          -0.0296 
_pdbx_refine_tls.T[1][3]_esd      ? 
_pdbx_refine_tls.T[2][2]          0.2081 
_pdbx_refine_tls.T[2][2]_esd      ? 
_pdbx_refine_tls.T[2][3]          -0.0906 
_pdbx_refine_tls.T[2][3]_esd      ? 
_pdbx_refine_tls.T[3][3]          0.4639 
_pdbx_refine_tls.T[3][3]_esd      ? 
_pdbx_refine_tls.L[1][1]          3.2791 
_pdbx_refine_tls.L[1][1]_esd      ? 
_pdbx_refine_tls.L[1][2]          -0.0347 
_pdbx_refine_tls.L[1][2]_esd      ? 
_pdbx_refine_tls.L[1][3]          2.8379 
_pdbx_refine_tls.L[1][3]_esd      ? 
_pdbx_refine_tls.L[2][2]          4.7163 
_pdbx_refine_tls.L[2][2]_esd      ? 
_pdbx_refine_tls.L[2][3]          -1.4274 
_pdbx_refine_tls.L[2][3]_esd      ? 
_pdbx_refine_tls.L[3][3]          2.8882 
_pdbx_refine_tls.L[3][3]_esd      ? 
_pdbx_refine_tls.S[1][1]          0.0622 
_pdbx_refine_tls.S[1][1]_esd      ? 
_pdbx_refine_tls.S[1][2]          0.5871 
_pdbx_refine_tls.S[1][2]_esd      ? 
_pdbx_refine_tls.S[1][3]          -1.3447 
_pdbx_refine_tls.S[1][3]_esd      ? 
_pdbx_refine_tls.S[2][1]          -0.3177 
_pdbx_refine_tls.S[2][1]_esd      ? 
_pdbx_refine_tls.S[2][2]          0.1891 
_pdbx_refine_tls.S[2][2]_esd      ? 
_pdbx_refine_tls.S[2][3]          0.5920 
_pdbx_refine_tls.S[2][3]_esd      ? 
_pdbx_refine_tls.S[3][1]          1.1125 
_pdbx_refine_tls.S[3][1]_esd      ? 
_pdbx_refine_tls.S[3][2]          -0.4666 
_pdbx_refine_tls.S[3][2]_esd      ? 
_pdbx_refine_tls.S[3][3]          0.0758 
_pdbx_refine_tls.S[3][3]_esd      ? 
# 
_pdbx_refine_tls_group.id                  1 
_pdbx_refine_tls_group.pdbx_refine_id      'X-RAY DIFFRACTION' 
_pdbx_refine_tls_group.refine_tls_id       1 
_pdbx_refine_tls_group.beg_label_asym_id   ? 
_pdbx_refine_tls_group.beg_label_seq_id    ? 
_pdbx_refine_tls_group.beg_auth_asym_id    ? 
_pdbx_refine_tls_group.beg_auth_seq_id     ? 
_pdbx_refine_tls_group.end_label_asym_id   ? 
_pdbx_refine_tls_group.end_label_seq_id    ? 
_pdbx_refine_tls_group.end_auth_asym_id    ? 
_pdbx_refine_tls_group.end_auth_seq_id     ? 
_pdbx_refine_tls_group.selection           ? 
_pdbx_refine_tls_group.selection_details   
;chain 'A' and (resid 1 through 16 )
;
# 
loop_
_chem_comp_atom.comp_id 
_chem_comp_atom.atom_id 
_chem_comp_atom.type_symbol 
_chem_comp_atom.pdbx_aromatic_flag 
_chem_comp_atom.pdbx_stereo_config 
_chem_comp_atom.pdbx_ordinal 
ALA N    N  N N 1   
ALA CA   C  N S 2   
ALA C    C  N N 3   
ALA O    O  N N 4   
ALA CB   C  N N 5   
ALA OXT  O  N N 6   
ALA H    H  N N 7   
ALA H2   H  N N 8   
ALA HA   H  N N 9   
ALA HB1  H  N N 10  
ALA HB2  H  N N 11  
ALA HB3  H  N N 12  
ALA HXT  H  N N 13  
CL  CL   CL N N 14  
GLU N    N  N N 15  
GLU CA   C  N S 16  
GLU C    C  N N 17  
GLU O    O  N N 18  
GLU CB   C  N N 19  
GLU CG   C  N N 20  
GLU CD   C  N N 21  
GLU OE1  O  N N 22  
GLU OE2  O  N N 23  
GLU OXT  O  N N 24  
GLU H    H  N N 25  
GLU H2   H  N N 26  
GLU HA   H  N N 27  
GLU HB2  H  N N 28  
GLU HB3  H  N N 29  
GLU HG2  H  N N 30  
GLU HG3  H  N N 31  
GLU HE2  H  N N 32  
GLU HXT  H  N N 33  
LEU N    N  N N 34  
LEU CA   C  N S 35  
LEU C    C  N N 36  
LEU O    O  N N 37  
LEU CB   C  N N 38  
LEU CG   C  N N 39  
LEU CD1  C  N N 40  
LEU CD2  C  N N 41  
LEU OXT  O  N N 42  
LEU H    H  N N 43  
LEU H2   H  N N 44  
LEU HA   H  N N 45  
LEU HB2  H  N N 46  
LEU HB3  H  N N 47  
LEU HG   H  N N 48  
LEU HD11 H  N N 49  
LEU HD12 H  N N 50  
LEU HD13 H  N N 51  
LEU HD21 H  N N 52  
LEU HD22 H  N N 53  
LEU HD23 H  N N 54  
LEU HXT  H  N N 55  
LYS N    N  N N 56  
LYS CA   C  N S 57  
LYS C    C  N N 58  
LYS O    O  N N 59  
LYS CB   C  N N 60  
LYS CG   C  N N 61  
LYS CD   C  N N 62  
LYS CE   C  N N 63  
LYS NZ   N  N N 64  
LYS OXT  O  N N 65  
LYS H    H  N N 66  
LYS H2   H  N N 67  
LYS HA   H  N N 68  
LYS HB2  H  N N 69  
LYS HB3  H  N N 70  
LYS HG2  H  N N 71  
LYS HG3  H  N N 72  
LYS HD2  H  N N 73  
LYS HD3  H  N N 74  
LYS HE2  H  N N 75  
LYS HE3  H  N N 76  
LYS HZ1  H  N N 77  
LYS HZ2  H  N N 78  
LYS HZ3  H  N N 79  
LYS HXT  H  N N 80  
MAA N    N  N N 81  
MAA CM   C  N N 82  
MAA CA   C  N S 83  
MAA CB   C  N N 84  
MAA C    C  N N 85  
MAA O    O  N N 86  
MAA OXT  O  N N 87  
MAA H    H  N N 88  
MAA HM1  H  N N 89  
MAA HM2  H  N N 90  
MAA HM3  H  N N 91  
MAA HA   H  N N 92  
MAA HB1  H  N N 93  
MAA HB2  H  N N 94  
MAA HB3  H  N N 95  
MAA HXT  H  N N 96  
NA  NA   NA N N 97  
ORN N    N  N N 98  
ORN CA   C  N S 99  
ORN CB   C  N N 100 
ORN CG   C  N N 101 
ORN CD   C  N N 102 
ORN NE   N  N N 103 
ORN C    C  N N 104 
ORN O    O  N N 105 
ORN OXT  O  N N 106 
ORN H    H  N N 107 
ORN H2   H  N N 108 
ORN HA   H  N N 109 
ORN HB2  H  N N 110 
ORN HB3  H  N N 111 
ORN HG2  H  N N 112 
ORN HG3  H  N N 113 
ORN HD2  H  N N 114 
ORN HD3  H  N N 115 
ORN HE1  H  N N 116 
ORN HE2  H  N N 117 
ORN HXT  H  N N 118 
PHI N    N  N N 119 
PHI CA   C  N S 120 
PHI CB   C  N N 121 
PHI CG   C  Y N 122 
PHI CD1  C  Y N 123 
PHI CD2  C  Y N 124 
PHI CE1  C  Y N 125 
PHI CE2  C  Y N 126 
PHI CZ   C  Y N 127 
PHI I    I  N N 128 
PHI C    C  N N 129 
PHI O    O  N N 130 
PHI OXT  O  N N 131 
PHI H    H  N N 132 
PHI H2   H  N N 133 
PHI HA   H  N N 134 
PHI HB2  H  N N 135 
PHI HB3  H  N N 136 
PHI HD1  H  N N 137 
PHI HD2  H  N N 138 
PHI HE1  H  N N 139 
PHI HE2  H  N N 140 
PHI HXT  H  N N 141 
SO4 S    S  N N 142 
SO4 O1   O  N N 143 
SO4 O2   O  N N 144 
SO4 O3   O  N N 145 
SO4 O4   O  N N 146 
TYR N    N  N N 147 
TYR CA   C  N S 148 
TYR C    C  N N 149 
TYR O    O  N N 150 
TYR CB   C  N N 151 
TYR CG   C  Y N 152 
TYR CD1  C  Y N 153 
TYR CD2  C  Y N 154 
TYR CE1  C  Y N 155 
TYR CE2  C  Y N 156 
TYR CZ   C  Y N 157 
TYR OH   O  N N 158 
TYR OXT  O  N N 159 
TYR H    H  N N 160 
TYR H2   H  N N 161 
TYR HA   H  N N 162 
TYR HB2  H  N N 163 
TYR HB3  H  N N 164 
TYR HD1  H  N N 165 
TYR HD2  H  N N 166 
TYR HE1  H  N N 167 
TYR HE2  H  N N 168 
TYR HH   H  N N 169 
TYR HXT  H  N N 170 
VAL N    N  N N 171 
VAL CA   C  N S 172 
VAL C    C  N N 173 
VAL O    O  N N 174 
VAL CB   C  N N 175 
VAL CG1  C  N N 176 
VAL CG2  C  N N 177 
VAL OXT  O  N N 178 
VAL H    H  N N 179 
VAL H2   H  N N 180 
VAL HA   H  N N 181 
VAL HB   H  N N 182 
VAL HG11 H  N N 183 
VAL HG12 H  N N 184 
VAL HG13 H  N N 185 
VAL HG21 H  N N 186 
VAL HG22 H  N N 187 
VAL HG23 H  N N 188 
VAL HXT  H  N N 189 
# 
loop_
_chem_comp_bond.comp_id 
_chem_comp_bond.atom_id_1 
_chem_comp_bond.atom_id_2 
_chem_comp_bond.value_order 
_chem_comp_bond.pdbx_aromatic_flag 
_chem_comp_bond.pdbx_stereo_config 
_chem_comp_bond.pdbx_ordinal 
ALA N   CA   sing N N 1   
ALA N   H    sing N N 2   
ALA N   H2   sing N N 3   
ALA CA  C    sing N N 4   
ALA CA  CB   sing N N 5   
ALA CA  HA   sing N N 6   
ALA C   O    doub N N 7   
ALA C   OXT  sing N N 8   
ALA CB  HB1  sing N N 9   
ALA CB  HB2  sing N N 10  
ALA CB  HB3  sing N N 11  
ALA OXT HXT  sing N N 12  
GLU N   CA   sing N N 13  
GLU N   H    sing N N 14  
GLU N   H2   sing N N 15  
GLU CA  C    sing N N 16  
GLU CA  CB   sing N N 17  
GLU CA  HA   sing N N 18  
GLU C   O    doub N N 19  
GLU C   OXT  sing N N 20  
GLU CB  CG   sing N N 21  
GLU CB  HB2  sing N N 22  
GLU CB  HB3  sing N N 23  
GLU CG  CD   sing N N 24  
GLU CG  HG2  sing N N 25  
GLU CG  HG3  sing N N 26  
GLU CD  OE1  doub N N 27  
GLU CD  OE2  sing N N 28  
GLU OE2 HE2  sing N N 29  
GLU OXT HXT  sing N N 30  
LEU N   CA   sing N N 31  
LEU N   H    sing N N 32  
LEU N   H2   sing N N 33  
LEU CA  C    sing N N 34  
LEU CA  CB   sing N N 35  
LEU CA  HA   sing N N 36  
LEU C   O    doub N N 37  
LEU C   OXT  sing N N 38  
LEU CB  CG   sing N N 39  
LEU CB  HB2  sing N N 40  
LEU CB  HB3  sing N N 41  
LEU CG  CD1  sing N N 42  
LEU CG  CD2  sing N N 43  
LEU CG  HG   sing N N 44  
LEU CD1 HD11 sing N N 45  
LEU CD1 HD12 sing N N 46  
LEU CD1 HD13 sing N N 47  
LEU CD2 HD21 sing N N 48  
LEU CD2 HD22 sing N N 49  
LEU CD2 HD23 sing N N 50  
LEU OXT HXT  sing N N 51  
LYS N   CA   sing N N 52  
LYS N   H    sing N N 53  
LYS N   H2   sing N N 54  
LYS CA  C    sing N N 55  
LYS CA  CB   sing N N 56  
LYS CA  HA   sing N N 57  
LYS C   O    doub N N 58  
LYS C   OXT  sing N N 59  
LYS CB  CG   sing N N 60  
LYS CB  HB2  sing N N 61  
LYS CB  HB3  sing N N 62  
LYS CG  CD   sing N N 63  
LYS CG  HG2  sing N N 64  
LYS CG  HG3  sing N N 65  
LYS CD  CE   sing N N 66  
LYS CD  HD2  sing N N 67  
LYS CD  HD3  sing N N 68  
LYS CE  NZ   sing N N 69  
LYS CE  HE2  sing N N 70  
LYS CE  HE3  sing N N 71  
LYS NZ  HZ1  sing N N 72  
LYS NZ  HZ2  sing N N 73  
LYS NZ  HZ3  sing N N 74  
LYS OXT HXT  sing N N 75  
MAA N   CM   sing N N 76  
MAA N   CA   sing N N 77  
MAA N   H    sing N N 78  
MAA CM  HM1  sing N N 79  
MAA CM  HM2  sing N N 80  
MAA CM  HM3  sing N N 81  
MAA CA  CB   sing N N 82  
MAA CA  C    sing N N 83  
MAA CA  HA   sing N N 84  
MAA CB  HB1  sing N N 85  
MAA CB  HB2  sing N N 86  
MAA CB  HB3  sing N N 87  
MAA C   O    doub N N 88  
MAA C   OXT  sing N N 89  
MAA OXT HXT  sing N N 90  
ORN N   CA   sing N N 91  
ORN N   H    sing N N 92  
ORN N   H2   sing N N 93  
ORN CA  CB   sing N N 94  
ORN CA  C    sing N N 95  
ORN CA  HA   sing N N 96  
ORN CB  CG   sing N N 97  
ORN CB  HB2  sing N N 98  
ORN CB  HB3  sing N N 99  
ORN CG  CD   sing N N 100 
ORN CG  HG2  sing N N 101 
ORN CG  HG3  sing N N 102 
ORN CD  NE   sing N N 103 
ORN CD  HD2  sing N N 104 
ORN CD  HD3  sing N N 105 
ORN NE  HE1  sing N N 106 
ORN NE  HE2  sing N N 107 
ORN C   O    doub N N 108 
ORN C   OXT  sing N N 109 
ORN OXT HXT  sing N N 110 
PHI N   CA   sing N N 111 
PHI N   H    sing N N 112 
PHI N   H2   sing N N 113 
PHI CA  CB   sing N N 114 
PHI CA  C    sing N N 115 
PHI CA  HA   sing N N 116 
PHI CB  CG   sing N N 117 
PHI CB  HB2  sing N N 118 
PHI CB  HB3  sing N N 119 
PHI CG  CD1  doub Y N 120 
PHI CG  CD2  sing Y N 121 
PHI CD1 CE1  sing Y N 122 
PHI CD1 HD1  sing N N 123 
PHI CD2 CE2  doub Y N 124 
PHI CD2 HD2  sing N N 125 
PHI CE1 CZ   doub Y N 126 
PHI CE1 HE1  sing N N 127 
PHI CE2 CZ   sing Y N 128 
PHI CE2 HE2  sing N N 129 
PHI CZ  I    sing N N 130 
PHI C   O    doub N N 131 
PHI C   OXT  sing N N 132 
PHI OXT HXT  sing N N 133 
SO4 S   O1   doub N N 134 
SO4 S   O2   doub N N 135 
SO4 S   O3   sing N N 136 
SO4 S   O4   sing N N 137 
TYR N   CA   sing N N 138 
TYR N   H    sing N N 139 
TYR N   H2   sing N N 140 
TYR CA  C    sing N N 141 
TYR CA  CB   sing N N 142 
TYR CA  HA   sing N N 143 
TYR C   O    doub N N 144 
TYR C   OXT  sing N N 145 
TYR CB  CG   sing N N 146 
TYR CB  HB2  sing N N 147 
TYR CB  HB3  sing N N 148 
TYR CG  CD1  doub Y N 149 
TYR CG  CD2  sing Y N 150 
TYR CD1 CE1  sing Y N 151 
TYR CD1 HD1  sing N N 152 
TYR CD2 CE2  doub Y N 153 
TYR CD2 HD2  sing N N 154 
TYR CE1 CZ   doub Y N 155 
TYR CE1 HE1  sing N N 156 
TYR CE2 CZ   sing Y N 157 
TYR CE2 HE2  sing N N 158 
TYR CZ  OH   sing N N 159 
TYR OH  HH   sing N N 160 
TYR OXT HXT  sing N N 161 
VAL N   CA   sing N N 162 
VAL N   H    sing N N 163 
VAL N   H2   sing N N 164 
VAL CA  C    sing N N 165 
VAL CA  CB   sing N N 166 
VAL CA  HA   sing N N 167 
VAL C   O    doub N N 168 
VAL C   OXT  sing N N 169 
VAL CB  CG1  sing N N 170 
VAL CB  CG2  sing N N 171 
VAL CB  HB   sing N N 172 
VAL CG1 HG11 sing N N 173 
VAL CG1 HG12 sing N N 174 
VAL CG1 HG13 sing N N 175 
VAL CG2 HG21 sing N N 176 
VAL CG2 HG22 sing N N 177 
VAL CG2 HG23 sing N N 178 
VAL OXT HXT  sing N N 179 
# 
_pdbx_audit_support.funding_organization   
'National Institutes of Health/National Institute of General Medical Sciences (NIH/NIGMS)' 
_pdbx_audit_support.country                'United States' 
_pdbx_audit_support.grant_number           5R01GM097562 
_pdbx_audit_support.ordinal                1 
# 
_atom_sites.entry_id                    4X0S 
_atom_sites.fract_transf_matrix[1][1]   -0.01568677 
_atom_sites.fract_transf_matrix[1][2]   -0.01627066 
_atom_sites.fract_transf_matrix[1][3]   0.00071444 
_atom_sites.fract_transf_matrix[2][1]   -0.02193278 
_atom_sites.fract_transf_matrix[2][2]   0.00546187 
_atom_sites.fract_transf_matrix[2][3]   0.00065083 
_atom_sites.fract_transf_matrix[3][1]   -0.00104148 
_atom_sites.fract_transf_matrix[3][2]   -0.00039242 
_atom_sites.fract_transf_matrix[3][3]   -0.03180453 
_atom_sites.fract_transf_vector[1]      0.516410 
_atom_sites.fract_transf_vector[2]      0.718874 
_atom_sites.fract_transf_vector[3]      0.296500 
# 
loop_
_atom_type.symbol 
C  
CL 
H  
I  
N  
NA 
O  
S  
# 
loop_
_atom_site.group_PDB 
_atom_site.id 
_atom_site.type_symbol 
_atom_site.label_atom_id 
_atom_site.label_alt_id 
_atom_site.label_comp_id 
_atom_site.label_asym_id 
_atom_site.label_entity_id 
_atom_site.label_seq_id 
_atom_site.pdbx_PDB_ins_code 
_atom_site.Cartn_x 
_atom_site.Cartn_y 
_atom_site.Cartn_z 
_atom_site.occupancy 
_atom_site.B_iso_or_equiv 
_atom_site.pdbx_formal_charge 
_atom_site.auth_seq_id 
_atom_site.auth_comp_id 
_atom_site.auth_asym_id 
_atom_site.auth_atom_id 
_atom_site.pdbx_PDB_model_num 
HETATM 1   N  N    . ORN A 1 1  ? -10.578 -3.787  7.007   1.00 63.69 1 1   ORN A N    1 
HETATM 2   C  CA   . ORN A 1 1  ? -9.228  -4.268  6.555   1.00 58.99 ? 1   ORN A CA   1 
HETATM 3   C  CB   . ORN A 1 1  ? -9.220  -4.523  5.048   1.00 58.70 ? 1   ORN A CB   1 
HETATM 4   C  CG   . ORN A 1 1  ? -9.926  -5.840  4.651   1.00 65.48 ? 1   ORN A CG   1 
HETATM 5   C  CD   . ORN A 1 1  ? -8.962  -6.979  4.296   1.00 64.66 ? 1   ORN A CD   1 
HETATM 6   N  NE   . ORN A 1 1  ? -8.009  -6.560  3.295   1.00 62.28 ? 1   ORN A NE   1 
HETATM 7   C  C    . ORN A 1 1  ? -8.136  -3.247  6.922   1.00 54.79 ? 1   ORN A C    1 
HETATM 8   O  O    . ORN A 1 1  ? -8.422  -2.149  7.396   1.00 56.62 ? 1   ORN A O    1 
HETATM 9   H  H2   . ORN A 1 1  ? -10.574 -3.398  7.954   1.00 76.42 1 1   ORN A H2   1 
HETATM 10  H  H    . ORN A 1 1  ? -10.965 -3.049  6.412   1.00 76.42 1 1   ORN A H    1 
HETATM 11  H  H3   . ORN A 1 1  ? -11.287 -4.524  7.019   1.00 76.42 1 1   ORN A H3   1 
HETATM 12  H  HA   . ORN A 1 1  ? -9.030  -5.178  7.131   1.00 70.78 ? 1   ORN A HA   1 
HETATM 13  H  HB2  . ORN A 1 1  ? -9.704  -3.688  4.523   1.00 70.44 ? 1   ORN A HB2  1 
HETATM 14  H  HB3  . ORN A 1 1  ? -8.172  -4.615  4.732   1.00 70.44 ? 1   ORN A HB3  1 
HETATM 15  H  HG2  . ORN A 1 1  ? -10.574 -5.647  3.787   1.00 78.58 ? 1   ORN A HG2  1 
HETATM 16  H  HG3  . ORN A 1 1  ? -10.554 -6.163  5.489   1.00 78.58 ? 1   ORN A HG3  1 
HETATM 17  H  HD2  . ORN A 1 1  ? -8.421  -7.279  5.198   1.00 77.59 ? 1   ORN A HD2  1 
HETATM 18  H  HD3  . ORN A 1 1  ? -9.541  -7.815  3.894   1.00 77.59 ? 1   ORN A HD3  1 
HETATM 19  H  HE1  . ORN A 1 1  ? -8.342  -6.597  2.334   1.00 74.74 ? 1   ORN A HE1  1 
ATOM   20  N  N    . TYR A 1 2  ? -6.840  -3.651  6.697   1.00 52.93 ? 2   TYR A N    1 
ATOM   21  C  CA   . TYR A 1 2  ? -5.683  -2.799  7.004   1.00 47.77 ? 2   TYR A CA   1 
ATOM   22  C  C    . TYR A 1 2  ? -5.244  -1.876  5.867   1.00 45.42 ? 2   TYR A C    1 
ATOM   23  O  O    . TYR A 1 2  ? -5.142  -2.299  4.719   1.00 46.66 ? 2   TYR A O    1 
ATOM   24  C  CB   . TYR A 1 2  ? -4.495  -3.681  7.398   1.00 48.24 ? 2   TYR A CB   1 
ATOM   25  C  CG   . TYR A 1 2  ? -4.712  -4.466  8.665   1.00 49.97 ? 2   TYR A CG   1 
ATOM   26  C  CD1  . TYR A 1 2  ? -5.331  -3.886  9.768   1.00 51.49 ? 2   TYR A CD1  1 
ATOM   27  C  CD2  . TYR A 1 2  ? -4.310  -5.783  8.760   1.00 52.21 ? 2   TYR A CD2  1 
ATOM   28  C  CE1  . TYR A 1 2  ? -5.540  -4.598  10.933  1.00 55.28 ? 2   TYR A CE1  1 
ATOM   29  C  CE2  . TYR A 1 2  ? -4.514  -6.506  9.918   1.00 57.18 ? 2   TYR A CE2  1 
ATOM   30  C  CZ   . TYR A 1 2  ? -5.133  -5.908  11.003  1.00 57.89 ? 2   TYR A CZ   1 
ATOM   31  O  OH   . TYR A 1 2  ? -5.343  -6.621  12.164  1.00 62.56 ? 2   TYR A OH   1 
ATOM   32  H  H    . TYR A 1 2  ? -6.626  -4.418  6.371   1.00 63.52 ? 2   TYR A H    1 
ATOM   33  H  HA   . TYR A 1 2  ? -5.903  -2.243  7.766   1.00 57.32 ? 2   TYR A HA   1 
ATOM   34  H  HB2  . TYR A 1 2  ? -4.324  -4.314  6.684   1.00 57.89 ? 2   TYR A HB2  1 
ATOM   35  H  HB3  . TYR A 1 2  ? -3.717  -3.116  7.530   1.00 57.89 ? 2   TYR A HB3  1 
ATOM   36  H  HD1  . TYR A 1 2  ? -5.610  -3.000  9.721   1.00 61.79 ? 2   TYR A HD1  1 
ATOM   37  H  HD2  . TYR A 1 2  ? -3.896  -6.190  8.032   1.00 62.65 ? 2   TYR A HD2  1 
ATOM   38  H  HE1  . TYR A 1 2  ? -5.956  -4.196  11.660  1.00 66.34 ? 2   TYR A HE1  1 
ATOM   39  H  HE2  . TYR A 1 2  ? -4.238  -7.393  9.969   1.00 68.61 ? 2   TYR A HE2  1 
ATOM   40  H  HH   . TYR A 1 2  ? -5.050  -7.404  12.077  1.00 75.07 ? 2   TYR A HH   1 
ATOM   41  N  N    A LEU A 1 3  ? -4.939  -0.633  6.215   0.53 39.84 ? 3   LEU A N    1 
ATOM   42  N  N    B LEU A 1 3  ? -4.993  -0.609  6.183   0.47 39.75 ? 3   LEU A N    1 
ATOM   43  C  CA   A LEU A 1 3  ? -4.418  0.337   5.263   0.53 37.85 ? 3   LEU A CA   1 
ATOM   44  C  CA   B LEU A 1 3  ? -4.429  0.307   5.196   0.47 37.85 ? 3   LEU A CA   1 
ATOM   45  C  C    A LEU A 1 3  ? -2.897  0.224   5.203   0.53 36.02 ? 3   LEU A C    1 
ATOM   46  C  C    B LEU A 1 3  ? -2.915  0.172   5.195   0.47 36.06 ? 3   LEU A C    1 
ATOM   47  O  O    A LEU A 1 3  ? -2.240  0.278   6.241   0.53 37.14 ? 3   LEU A O    1 
ATOM   48  O  O    B LEU A 1 3  ? -2.287  0.166   6.252   0.47 36.43 ? 3   LEU A O    1 
ATOM   49  C  CB   A LEU A 1 3  ? -4.826  1.749   5.676   0.53 37.05 ? 3   LEU A CB   1 
ATOM   50  C  CB   B LEU A 1 3  ? -4.820  1.757   5.480   0.47 37.13 ? 3   LEU A CB   1 
ATOM   51  C  CG   A LEU A 1 3  ? -6.236  1.886   6.252   0.53 39.31 ? 3   LEU A CG   1 
ATOM   52  C  CG   B LEU A 1 3  ? -4.030  2.792   4.662   0.47 34.37 ? 3   LEU A CG   1 
ATOM   53  C  CD1  A LEU A 1 3  ? -6.395  3.237   6.948   0.53 37.78 ? 3   LEU A CD1  1 
ATOM   54  C  CD1  B LEU A 1 3  ? -4.230  2.580   3.165   0.47 34.82 ? 3   LEU A CD1  1 
ATOM   55  C  CD2  A LEU A 1 3  ? -7.282  1.698   5.160   0.53 40.33 ? 3   LEU A CD2  1 
ATOM   56  C  CD2  B LEU A 1 3  ? -4.399  4.214   5.054   0.47 31.85 ? 3   LEU A CD2  1 
ATOM   57  H  H    A LEU A 1 3  ? -5.026  -0.322  7.013   0.53 47.81 ? 3   LEU A H    1 
ATOM   58  H  H    B LEU A 1 3  ? -5.140  -0.257  6.954   0.47 47.70 ? 3   LEU A H    1 
ATOM   59  H  HA   A LEU A 1 3  ? -4.778  0.155   4.381   0.53 45.42 ? 3   LEU A HA   1 
ATOM   60  H  HA   B LEU A 1 3  ? -4.756  0.070   4.314   0.47 45.42 ? 3   LEU A HA   1 
ATOM   61  H  HB2  A LEU A 1 3  ? -4.204  2.062   6.351   0.53 44.46 ? 3   LEU A HB2  1 
ATOM   62  H  HB2  B LEU A 1 3  ? -5.760  1.872   5.273   0.47 44.56 ? 3   LEU A HB2  1 
ATOM   63  H  HB3  A LEU A 1 3  ? -4.773  2.323   4.896   0.53 44.46 ? 3   LEU A HB3  1 
ATOM   64  H  HB3  B LEU A 1 3  ? -4.666  1.943   6.420   0.47 44.56 ? 3   LEU A HB3  1 
ATOM   65  H  HG   A LEU A 1 3  ? -6.372  1.192   6.915   0.53 47.17 ? 3   LEU A HG   1 
ATOM   66  H  HG   B LEU A 1 3  ? -3.084  2.674   4.849   0.47 41.25 ? 3   LEU A HG   1 
ATOM   67  H  HD11 A LEU A 1 3  ? -7.295  3.303   7.304   0.53 45.34 ? 3   LEU A HD11 1 
ATOM   68  H  HD11 B LEU A 1 3  ? -3.922  1.691   2.929   0.47 41.79 ? 3   LEU A HD11 1 
ATOM   69  H  HD12 A LEU A 1 3  ? -5.748  3.300   7.667   0.53 45.34 ? 3   LEU A HD12 1 
ATOM   70  H  HD12 B LEU A 1 3  ? -3.720  3.247   2.681   0.47 41.79 ? 3   LEU A HD12 1 
ATOM   71  H  HD13 A LEU A 1 3  ? -6.243  3.945   6.302   0.53 45.34 ? 3   LEU A HD13 1 
ATOM   72  H  HD13 B LEU A 1 3  ? -5.174  2.670   2.958   0.47 41.79 ? 3   LEU A HD13 1 
ATOM   73  H  HD21 A LEU A 1 3  ? -8.165  1.790   5.551   0.53 48.39 ? 3   LEU A HD21 1 
ATOM   74  H  HD21 B LEU A 1 3  ? -3.881  4.834   4.517   0.47 38.22 ? 3   LEU A HD21 1 
ATOM   75  H  HD22 A LEU A 1 3  ? -7.151  2.374   4.476   0.53 48.39 ? 3   LEU A HD22 1 
ATOM   76  H  HD22 B LEU A 1 3  ? -4.200  4.343   5.994   0.47 38.22 ? 3   LEU A HD22 1 
ATOM   77  H  HD23 A LEU A 1 3  ? -7.182  0.814   4.775   0.53 48.39 ? 3   LEU A HD23 1 
ATOM   78  H  HD23 B LEU A 1 3  ? -5.347  4.348   4.894   0.47 38.22 ? 3   LEU A HD23 1 
ATOM   79  N  N    . LEU A 1 4  ? -2.334  0.061   4.008   1.00 29.77 ? 4   LEU A N    1 
ATOM   80  C  CA   . LEU A 1 4  ? -0.883  -0.057  3.880   1.00 27.47 ? 4   LEU A CA   1 
ATOM   81  C  C    . LEU A 1 4  ? -0.331  0.685   2.682   1.00 26.63 ? 4   LEU A C    1 
ATOM   82  O  O    . LEU A 1 4  ? -1.014  0.875   1.684   1.00 26.31 ? 4   LEU A O    1 
ATOM   83  C  CB   . LEU A 1 4  ? -0.449  -1.525  3.775   1.00 29.99 ? 4   LEU A CB   1 
ATOM   84  C  CG   . LEU A 1 4  ? -1.012  -2.540  4.765   1.00 35.00 ? 4   LEU A CG   1 
ATOM   85  C  CD1  . LEU A 1 4  ? -2.208  -3.249  4.146   1.00 38.16 ? 4   LEU A CD1  1 
ATOM   86  C  CD2  . LEU A 1 4  ? 0.048   -3.556  5.197   1.00 36.69 ? 4   LEU A CD2  1 
ATOM   87  H  H    . LEU A 1 4  ? -2.761  0.035   3.262   1.00 35.73 ? 4   LEU A H    1 
ATOM   88  H  HA   . LEU A 1 4  ? -0.470  0.316   4.674   1.00 32.96 ? 4   LEU A HA   1 
ATOM   89  H  HB2  . LEU A 1 4  ? -0.688  -1.841  2.889   1.00 35.99 ? 4   LEU A HB2  1 
ATOM   90  H  HB3  . LEU A 1 4  ? 0.516   -1.554  3.867   1.00 35.99 ? 4   LEU A HB3  1 
ATOM   91  H  HG   . LEU A 1 4  ? -1.318  -2.072  5.558   1.00 42.00 ? 4   LEU A HG   1 
ATOM   92  H  HD11 . LEU A 1 4  ? -2.559  -3.892  4.783   1.00 45.80 ? 4   LEU A HD11 1 
ATOM   93  H  HD12 . LEU A 1 4  ? -2.888  -2.592  3.930   1.00 45.80 ? 4   LEU A HD12 1 
ATOM   94  H  HD13 . LEU A 1 4  ? -1.921  -3.706  3.339   1.00 45.80 ? 4   LEU A HD13 1 
ATOM   95  H  HD21 . LEU A 1 4  ? 0.783   -3.085  5.620   1.00 44.03 ? 4   LEU A HD21 1 
ATOM   96  H  HD22 . LEU A 1 4  ? -0.351  -4.180  5.824   1.00 44.03 ? 4   LEU A HD22 1 
ATOM   97  H  HD23 . LEU A 1 4  ? 0.366   -4.032  4.414   1.00 44.03 ? 4   LEU A HD23 1 
HETATM 98  N  N    . PHI A 1 5  ? 0.929   1.089   2.809   1.00 24.82 ? 5   PHI A N    1 
HETATM 99  C  CA   . PHI A 1 5  ? 1.742   1.575   1.697   1.00 26.56 ? 5   PHI A CA   1 
HETATM 100 C  CB   . PHI A 1 5  ? 2.446   2.940   1.987   1.00 22.38 ? 5   PHI A CB   1 
HETATM 101 C  CG   . PHI A 1 5  ? 1.476   4.149   2.032   1.00 23.91 ? 5   PHI A CG   1 
HETATM 102 C  CD1  . PHI A 1 5  ? 2.024   5.459   2.295   1.00 17.84 ? 5   PHI A CD1  1 
HETATM 103 C  CD2  . PHI A 1 5  ? 0.123   4.018   1.839   1.00 26.12 ? 5   PHI A CD2  1 
HETATM 104 C  CE1  . PHI A 1 5  ? 1.206   6.548   2.341   1.00 21.33 ? 5   PHI A CE1  1 
HETATM 105 C  CE2  . PHI A 1 5  ? -0.700  5.109   1.891   1.00 25.59 ? 5   PHI A CE2  1 
HETATM 106 C  CZ   . PHI A 1 5  ? -0.151  6.419   2.145   1.00 23.38 ? 5   PHI A CZ   1 
HETATM 107 I  I    . PHI A 1 5  ? -1.398  8.130   2.230   1.00 15.50 ? 5   PHI A I    1 
HETATM 108 C  C    . PHI A 1 5  ? 2.800   0.543   1.489   1.00 25.53 ? 5   PHI A C    1 
HETATM 109 O  O    . PHI A 1 5  ? 3.278   -0.115  2.486   1.00 25.30 ? 5   PHI A O    1 
HETATM 110 H  H    . PHI A 1 5  ? 1.420   1.104   3.614   1.00 29.79 ? 5   PHI A H    1 
HETATM 111 H  HA   . PHI A 1 5  ? 1.199   1.651   0.903   1.00 31.87 ? 5   PHI A HA   1 
HETATM 112 H  HB2  . PHI A 1 5  ? 3.081   3.099   1.333   1.00 26.86 ? 5   PHI A HB2  1 
HETATM 113 H  HB3  . PHI A 1 5  ? 2.896   2.882   2.829   1.00 26.86 ? 5   PHI A HB3  1 
HETATM 114 H  HD1  . PHI A 1 5  ? 2.970   5.565   2.430   1.00 21.41 ? 5   PHI A HD1  1 
HETATM 115 H  HD2  . PHI A 1 5  ? -0.277  3.087   1.655   1.00 31.35 ? 5   PHI A HD2  1 
HETATM 116 H  HE1  . PHI A 1 5  ? 1.597   7.455   2.522   1.00 25.60 ? 5   PHI A HE1  1 
HETATM 117 H  HE2  . PHI A 1 5  ? -1.729  4.994   1.739   1.00 30.71 ? 5   PHI A HE2  1 
ATOM   118 N  N    . TYR A 1 6  ? 3.197   0.347   0.240   1.00 26.00 ? 6   TYR A N    1 
ATOM   119 C  CA   . TYR A 1 6  ? 4.256   -0.590  -0.093  1.00 28.38 ? 6   TYR A CA   1 
ATOM   120 C  C    . TYR A 1 6  ? 4.994   -0.052  -1.315  1.00 26.92 ? 6   TYR A C    1 
ATOM   121 O  O    . TYR A 1 6  ? 4.511   0.852   -1.978  1.00 25.71 ? 6   TYR A O    1 
ATOM   122 C  CB   . TYR A 1 6  ? 3.686   -1.985  -0.360  1.00 30.87 ? 6   TYR A CB   1 
ATOM   123 C  CG   . TYR A 1 6  ? 2.839   -2.046  -1.606  1.00 32.91 ? 6   TYR A CG   1 
ATOM   124 C  CD1  . TYR A 1 6  ? 1.505   -1.659  -1.586  1.00 32.97 ? 6   TYR A CD1  1 
ATOM   125 C  CD2  . TYR A 1 6  ? 3.377   -2.477  -2.812  1.00 36.37 ? 6   TYR A CD2  1 
ATOM   126 C  CE1  . TYR A 1 6  ? 0.725   -1.704  -2.741  1.00 35.85 ? 6   TYR A CE1  1 
ATOM   127 C  CE2  . TYR A 1 6  ? 2.610   -2.531  -3.965  1.00 38.55 ? 6   TYR A CE2  1 
ATOM   128 C  CZ   . TYR A 1 6  ? 1.285   -2.145  -3.926  1.00 40.34 ? 6   TYR A CZ   1 
ATOM   129 O  OH   . TYR A 1 6  ? 0.530   -2.197  -5.078  1.00 42.21 ? 6   TYR A OH   1 
ATOM   130 H  H    . TYR A 1 6  ? 2.862   0.751   -0.442  1.00 31.20 ? 6   TYR A H    1 
ATOM   131 H  HA   . TYR A 1 6  ? 4.882   -0.648  0.644   1.00 34.05 ? 6   TYR A HA   1 
ATOM   132 H  HB2  . TYR A 1 6  ? 4.420   -2.610  -0.467  1.00 37.05 ? 6   TYR A HB2  1 
ATOM   133 H  HB3  . TYR A 1 6  ? 3.132   -2.247  0.391   1.00 37.05 ? 6   TYR A HB3  1 
ATOM   134 H  HD1  . TYR A 1 6  ? 1.126   -1.363  -0.790  1.00 39.57 ? 6   TYR A HD1  1 
ATOM   135 H  HD2  . TYR A 1 6  ? 4.268   -2.739  -2.845  1.00 43.64 ? 6   TYR A HD2  1 
ATOM   136 H  HE1  . TYR A 1 6  ? -0.167  -1.445  -2.712  1.00 43.02 ? 6   TYR A HE1  1 
ATOM   137 H  HE2  . TYR A 1 6  ? 2.987   -2.825  -4.763  1.00 46.26 ? 6   TYR A HE2  1 
ATOM   138 H  HH   . TYR A 1 6  ? 0.997   -2.481  -5.716  1.00 50.65 ? 6   TYR A HH   1 
ATOM   139 N  N    . VAL A 1 7  ? 6.164   -0.595  -1.606  1.00 28.21 ? 7   VAL A N    1 
ATOM   140 C  CA   . VAL A 1 7  ? 6.938   -0.131  -2.744  1.00 28.93 ? 7   VAL A CA   1 
ATOM   141 C  C    . VAL A 1 7  ? 6.713   -1.045  -3.935  1.00 34.88 ? 7   VAL A C    1 
ATOM   142 O  O    . VAL A 1 7  ? 6.911   -2.254  -3.833  1.00 37.17 ? 7   VAL A O    1 
ATOM   143 C  CB   . VAL A 1 7  ? 8.432   -0.083  -2.432  1.00 28.53 ? 7   VAL A CB   1 
ATOM   144 C  CG1  . VAL A 1 7  ? 9.181   0.543   -3.586  1.00 30.24 ? 7   VAL A CG1  1 
ATOM   145 C  CG2  . VAL A 1 7  ? 8.683   0.697   -1.167  1.00 25.28 ? 7   VAL A CG2  1 
ATOM   146 H  H    . VAL A 1 7  ? 6.532   -1.232  -1.162  1.00 33.85 ? 7   VAL A H    1 
ATOM   147 H  HA   . VAL A 1 7  ? 6.649   0.762   -2.987  1.00 34.72 ? 7   VAL A HA   1 
ATOM   148 H  HB   . VAL A 1 7  ? 8.764   -0.986  -2.305  1.00 34.24 ? 7   VAL A HB   1 
ATOM   149 H  HG11 . VAL A 1 7  ? 10.127  0.565   -3.373  1.00 36.29 ? 7   VAL A HG11 1 
ATOM   150 H  HG12 . VAL A 1 7  ? 9.034   0.009   -4.384  1.00 36.29 ? 7   VAL A HG12 1 
ATOM   151 H  HG13 . VAL A 1 7  ? 8.850   1.443   -3.725  1.00 36.29 ? 7   VAL A HG13 1 
ATOM   152 H  HG21 . VAL A 1 7  ? 9.637   0.713   -0.990  1.00 30.34 ? 7   VAL A HG21 1 
ATOM   153 H  HG22 . VAL A 1 7  ? 8.353   1.601   -1.283  1.00 30.34 ? 7   VAL A HG22 1 
ATOM   154 H  HG23 . VAL A 1 7  ? 8.218   0.266   -0.433  1.00 30.34 ? 7   VAL A HG23 1 
ATOM   155 N  N    . GLU A 1 8  ? 6.304   -0.467  -5.063  1.00 46.41 ? 8   GLU A N    1 
ATOM   156 C  CA   . GLU A 1 8  ? 6.189   -1.223  -6.308  1.00 52.21 ? 8   GLU A CA   1 
ATOM   157 C  C    . GLU A 1 8  ? 7.071   -0.574  -7.364  1.00 52.49 ? 8   GLU A C    1 
ATOM   158 O  O    . GLU A 1 8  ? 6.747   0.494   -7.888  1.00 50.99 ? 8   GLU A O    1 
ATOM   159 C  CB   . GLU A 1 8  ? 4.732   -1.294  -6.789  1.00 53.59 ? 8   GLU A CB   1 
ATOM   160 C  CG   . GLU A 1 8  ? 4.434   -2.444  -7.788  1.00 59.44 ? 8   GLU A CG   1 
ATOM   161 C  CD   . GLU A 1 8  ? 3.661   -3.621  -7.167  1.00 62.45 ? 8   GLU A CD   1 
ATOM   162 O  OE1  . GLU A 1 8  ? 4.295   -4.641  -6.808  1.00 62.58 ? 8   GLU A OE1  1 
ATOM   163 O  OE2  . GLU A 1 8  ? 2.415   -3.531  -7.051  1.00 61.42 ? 8   GLU A OE2  1 
ATOM   164 H  H    . GLU A 1 8  ? 6.085   0.362   -5.133  1.00 55.69 ? 8   GLU A H    1 
ATOM   165 H  HA   . GLU A 1 8  ? 6.504   -2.129  -6.164  1.00 62.65 ? 8   GLU A HA   1 
ATOM   166 H  HB2  . GLU A 1 8  ? 4.157   -1.419  -6.018  1.00 64.31 ? 8   GLU A HB2  1 
ATOM   167 H  HB3  . GLU A 1 8  ? 4.509   -0.458  -7.229  1.00 64.31 ? 8   GLU A HB3  1 
ATOM   168 H  HG2  . GLU A 1 8  ? 3.902   -2.093  -8.519  1.00 71.33 ? 8   GLU A HG2  1 
ATOM   169 H  HG3  . GLU A 1 8  ? 5.275   -2.788  -8.128  1.00 71.33 ? 8   GLU A HG3  1 
HETATM 170 N  N    . ORN A 1 9  ? 10.425  2.887   -9.389  1.00 50.33 1 9   ORN A N    1 
HETATM 171 C  CA   . ORN A 1 9  ? 9.291   2.418   -8.553  1.00 45.25 ? 9   ORN A CA   1 
HETATM 172 C  CB   . ORN A 1 9  ? 9.761   1.429   -7.468  1.00 42.68 ? 9   ORN A CB   1 
HETATM 173 C  CG   . ORN A 1 9  ? 10.287  0.115   -8.022  1.00 48.51 ? 9   ORN A CG   1 
HETATM 174 C  CD   . ORN A 1 9  ? 9.179   -0.759  -8.652  1.00 52.24 ? 9   ORN A CD   1 
HETATM 175 N  NE   . ORN A 1 9  ? 8.237   -1.246  -7.659  1.00 51.86 ? 9   ORN A NE   1 
HETATM 176 C  C    . ORN A 1 9  ? 8.612   3.579   -7.877  1.00 40.91 ? 9   ORN A C    1 
HETATM 177 O  O    . ORN A 1 9  ? 9.142   4.685   -7.784  1.00 41.05 ? 9   ORN A O    1 
HETATM 178 H  H2   . ORN A 1 9  ? 11.245  3.158   -8.841  1.00 60.40 1 9   ORN A H2   1 
HETATM 179 H  H    . ORN A 1 9  ? 10.197  3.706   -9.958  1.00 60.40 1 9   ORN A H    1 
HETATM 180 H  H3   . ORN A 1 9  ? 10.761  2.181   -10.049 1.00 60.40 1 9   ORN A H3   1 
HETATM 181 H  HA   . ORN A 1 9  ? 8.573   1.971   -9.248  1.00 54.30 ? 9   ORN A HA   1 
HETATM 182 H  HB2  . ORN A 1 9  ? 10.551  1.891   -6.859  1.00 51.21 ? 9   ORN A HB2  1 
HETATM 183 H  HB3  . ORN A 1 9  ? 8.892   1.188   -6.841  1.00 51.21 ? 9   ORN A HB3  1 
HETATM 184 H  HG2  . ORN A 1 9  ? 10.752  -0.449  -7.206  1.00 58.21 ? 9   ORN A HG2  1 
HETATM 185 H  HG3  . ORN A 1 9  ? 11.048  0.328   -8.781  1.00 58.21 ? 9   ORN A HG3  1 
HETATM 186 H  HD2  . ORN A 1 9  ? 8.638   -0.161  -9.391  1.00 62.69 ? 9   ORN A HD2  1 
HETATM 187 H  HD3  . ORN A 1 9  ? 9.651   -1.623  -9.130  1.00 62.69 ? 9   ORN A HD3  1 
HETATM 188 H  HE1  . ORN A 1 9  ? 8.485   -2.127  -7.214  1.00 62.23 ? 9   ORN A HE1  1 
ATOM   189 N  N    . LYS A 1 10 ? 7.372   3.299   -7.371  1.00 32.53 ? 10  LYS A N    1 
ATOM   190 C  CA   . LYS A 1 10 ? 6.605   4.302   -6.672  1.00 28.66 ? 10  LYS A CA   1 
ATOM   191 C  C    . LYS A 1 10 ? 6.110   3.689   -5.390  1.00 26.89 ? 10  LYS A C    1 
ATOM   192 O  O    . LYS A 1 10 ? 6.084   2.474   -5.251  1.00 32.38 ? 10  LYS A O    1 
ATOM   193 C  CB   . LYS A 1 10 ? 5.434   4.795   -7.520  1.00 34.44 ? 10  LYS A CB   1 
ATOM   194 C  CG   . LYS A 1 10 ? 4.430   3.710   -7.895  1.00 36.75 ? 10  LYS A CG   1 
ATOM   195 C  CD   . LYS A 1 10 ? 3.163   4.312   -8.498  1.00 36.52 ? 10  LYS A CD   1 
ATOM   196 C  CE   . LYS A 1 10 ? 2.152   3.233   -8.890  1.00 36.97 ? 10  LYS A CE   1 
ATOM   197 N  NZ   . LYS A 1 10 ? 2.588   2.408   -10.056 1.00 43.83 ? 10  LYS A NZ   1 
ATOM   198 H  H    . LYS A 1 10 ? 6.989   2.530   -7.417  1.00 39.03 ? 10  LYS A H    1 
ATOM   199 H  HA   . LYS A 1 10 ? 7.174   5.057   -6.457  1.00 34.39 ? 10  LYS A HA   1 
ATOM   200 H  HB2  . LYS A 1 10 ? 4.957   5.479   -7.023  1.00 41.33 ? 10  LYS A HB2  1 
ATOM   201 H  HB3  . LYS A 1 10 ? 5.783   5.172   -8.342  1.00 41.33 ? 10  LYS A HB3  1 
ATOM   202 H  HG2  . LYS A 1 10 ? 4.828   3.118   -8.552  1.00 44.10 ? 10  LYS A HG2  1 
ATOM   203 H  HG3  . LYS A 1 10 ? 4.182   3.213   -7.100  1.00 44.10 ? 10  LYS A HG3  1 
ATOM   204 H  HD2  . LYS A 1 10 ? 2.745   4.895   -7.845  1.00 43.83 ? 10  LYS A HD2  1 
ATOM   205 H  HD3  . LYS A 1 10 ? 3.395   4.814   -9.294  1.00 43.83 ? 10  LYS A HD3  1 
ATOM   206 H  HE2  . LYS A 1 10 ? 2.021   2.637   -8.136  1.00 44.37 ? 10  LYS A HE2  1 
ATOM   207 H  HE3  . LYS A 1 10 ? 1.313   3.659   -9.124  1.00 44.37 ? 10  LYS A HE3  1 
ATOM   208 H  HZ1  . LYS A 1 10 ? 1.968   1.796   -10.244 1.00 52.60 ? 10  LYS A HZ1  1 
ATOM   209 H  HZ2  . LYS A 1 10 ? 2.707   2.927   -10.768 1.00 52.60 ? 10  LYS A HZ2  1 
ATOM   210 H  HZ3  . LYS A 1 10 ? 3.353   1.995   -9.866  1.00 52.60 ? 10  LYS A HZ3  1 
ATOM   211 N  N    . VAL A 1 11 ? 5.737   4.533   -4.443  1.00 22.76 ? 11  VAL A N    1 
ATOM   212 C  CA   . VAL A 1 11 ? 5.036   4.061   -3.276  1.00 24.40 ? 11  VAL A CA   1 
ATOM   213 C  C    . VAL A 1 11 ? 3.551   3.949   -3.629  1.00 24.70 ? 11  VAL A C    1 
ATOM   214 O  O    . VAL A 1 11 ? 2.933   4.916   -4.069  1.00 23.99 ? 11  VAL A O    1 
ATOM   215 C  CB   . VAL A 1 11 ? 5.270   4.986   -2.082  1.00 20.73 ? 11  VAL A CB   1 
ATOM   216 C  CG1  . VAL A 1 11 ? 4.346   4.628   -0.915  1.00 21.63 ? 11  VAL A CG1  1 
ATOM   217 C  CG2  . VAL A 1 11 ? 6.730   4.912   -1.667  1.00 17.65 ? 11  VAL A CG2  1 
ATOM   218 H  H    . VAL A 1 11 ? 5.880   5.382   -4.457  1.00 27.31 ? 11  VAL A H    1 
ATOM   219 H  HA   . VAL A 1 11 ? 5.361   3.177   -3.044  1.00 29.29 ? 11  VAL A HA   1 
ATOM   220 H  HB   . VAL A 1 11 ? 5.080   5.900   -2.348  1.00 24.88 ? 11  VAL A HB   1 
ATOM   221 H  HG11 . VAL A 1 11 ? 4.520   5.233   -0.177  1.00 25.96 ? 11  VAL A HG11 1 
ATOM   222 H  HG12 . VAL A 1 11 ? 3.424   4.716   -1.204  1.00 25.96 ? 11  VAL A HG12 1 
ATOM   223 H  HG13 . VAL A 1 11 ? 4.521   3.714   -0.642  1.00 25.96 ? 11  VAL A HG13 1 
ATOM   224 H  HG21 . VAL A 1 11 ? 6.873   5.501   -0.909  1.00 21.18 ? 11  VAL A HG21 1 
ATOM   225 H  HG22 . VAL A 1 11 ? 6.941   3.998   -1.420  1.00 21.18 ? 11  VAL A HG22 1 
ATOM   226 H  HG23 . VAL A 1 11 ? 7.285   5.191   -2.412  1.00 21.18 ? 11  VAL A HG23 1 
ATOM   227 N  N    . ALA A 1 12 ? 3.002   2.753   -3.445  1.00 26.16 ? 12  ALA A N    1 
ATOM   228 C  CA   . ALA A 1 12 ? 1.614   2.457   -3.782  1.00 28.03 ? 12  ALA A CA   1 
ATOM   229 C  C    . ALA A 1 12 ? 0.776   2.217   -2.522  1.00 26.59 ? 12  ALA A C    1 
ATOM   230 O  O    . ALA A 1 12 ? 1.304   1.728   -1.529  1.00 24.82 ? 12  ALA A O    1 
ATOM   231 C  CB   . ALA A 1 12 ? 1.551   1.238   -4.699  1.00 29.93 ? 12  ALA A CB   1 
ATOM   232 H  H    . ALA A 1 12 ? 3.424   2.078   -3.118  1.00 31.39 ? 12  ALA A H    1 
ATOM   233 H  HA   . ALA A 1 12 ? 1.234   3.212   -4.257  1.00 33.63 ? 12  ALA A HA   1 
ATOM   234 H  HB1  . ALA A 1 12 ? 0.623   1.053   -4.915  1.00 35.92 ? 12  ALA A HB1  1 
ATOM   235 H  HB2  . ALA A 1 12 ? 2.048   1.429   -5.510  1.00 35.92 ? 12  ALA A HB2  1 
ATOM   236 H  HB3  . ALA A 1 12 ? 1.943   0.478   -4.241  1.00 35.92 ? 12  ALA A HB3  1 
HETATM 237 N  N    . MAA A 1 13 ? -0.524  2.543   -2.564  1.00 28.26 ? 13  MAA A N    1 
HETATM 238 C  CM   . MAA A 1 13 ? -1.203  3.079   -3.751  1.00 28.90 ? 13  MAA A CM   1 
HETATM 239 C  CA   . MAA A 1 13 ? -1.422  2.225   -1.425  1.00 26.58 ? 13  MAA A CA   1 
HETATM 240 C  CB   . MAA A 1 13 ? -2.344  3.426   -1.114  1.00 27.08 ? 13  MAA A CB   1 
HETATM 241 C  C    . MAA A 1 13 ? -2.252  0.981   -1.690  1.00 31.65 ? 13  MAA A C    1 
HETATM 242 O  O    . MAA A 1 13 ? -2.606  0.683   -2.826  1.00 33.14 ? 13  MAA A O    1 
HETATM 243 H  HM1  . MAA A 1 13 ? -2.286  3.096   -3.567  1.00 34.68 ? 13  MAA A HM1  1 
HETATM 244 H  HM2  . MAA A 1 13 ? -0.838  4.100   -3.942  1.00 34.68 ? 13  MAA A HM2  1 
HETATM 245 H  HM3  . MAA A 1 13 ? -0.978  2.429   -4.619  1.00 34.68 ? 13  MAA A HM3  1 
HETATM 246 H  HA   . MAA A 1 13 ? -0.809  2.018   -0.552  1.00 31.90 ? 13  MAA A HA   1 
HETATM 247 H  HB1  . MAA A 1 13 ? -3.131  3.478   -1.874  1.00 32.49 ? 13  MAA A HB1  1 
HETATM 248 H  HB2  . MAA A 1 13 ? -1.747  4.349   -1.129  1.00 32.49 ? 13  MAA A HB2  1 
HETATM 249 H  HB3  . MAA A 1 13 ? -2.791  3.286   -0.121  1.00 32.49 ? 13  MAA A HB3  1 
ATOM   250 N  N    . ALA A 1 14 ? -2.562  0.255   -0.629  1.00 31.19 ? 14  ALA A N    1 
ATOM   251 C  CA   . ALA A 1 14 ? -3.475  -0.864  -0.734  1.00 34.94 ? 14  ALA A CA   1 
ATOM   252 C  C    . ALA A 1 14 ? -4.258  -1.020  0.560   1.00 37.54 ? 14  ALA A C    1 
ATOM   253 O  O    . ALA A 1 14 ? -3.840  -0.564  1.625   1.00 39.16 ? 14  ALA A O    1 
ATOM   254 C  CB   . ALA A 1 14 ? -2.721  -2.149  -1.082  1.00 37.23 ? 14  ALA A CB   1 
ATOM   255 H  H    . ALA A 1 14 ? -2.256  0.390   0.164   1.00 37.42 ? 14  ALA A H    1 
ATOM   256 H  HA   . ALA A 1 14 ? -4.109  -0.687  -1.447  1.00 41.92 ? 14  ALA A HA   1 
ATOM   257 H  HB1  . ALA A 1 14 ? -3.356  -2.880  -1.146  1.00 44.68 ? 14  ALA A HB1  1 
ATOM   258 H  HB2  . ALA A 1 14 ? -2.268  -2.028  -1.931  1.00 44.68 ? 14  ALA A HB2  1 
ATOM   259 H  HB3  . ALA A 1 14 ? -2.073  -2.333  -0.384  1.00 44.68 ? 14  ALA A HB3  1 
ATOM   260 N  N    . VAL A 1 15 ? -5.430  -1.622  0.435   1.00 38.65 ? 15  VAL A N    1 
ATOM   261 C  CA   . VAL A 1 15 ? -6.243  -2.006  1.574   1.00 40.25 ? 15  VAL A CA   1 
ATOM   262 C  C    . VAL A 1 15 ? -6.468  -3.514  1.524   1.00 45.06 ? 15  VAL A C    1 
ATOM   263 O  O    . VAL A 1 15 ? -7.258  -3.981  0.715   1.00 48.58 ? 15  VAL A O    1 
ATOM   264 C  CB   . VAL A 1 15 ? -7.602  -1.267  1.574   1.00 41.06 ? 15  VAL A CB   1 
ATOM   265 C  CG1  . VAL A 1 15 ? -8.415  -1.625  2.804   1.00 43.19 ? 15  VAL A CG1  1 
ATOM   266 C  CG2  . VAL A 1 15 ? -7.401  0.234   1.508   1.00 38.86 ? 15  VAL A CG2  1 
ATOM   267 H  H    . VAL A 1 15 ? -5.785  -1.824  -0.321  1.00 46.38 ? 15  VAL A H    1 
ATOM   268 H  HA   . VAL A 1 15 ? -5.773  -1.791  2.394   1.00 48.30 ? 15  VAL A HA   1 
ATOM   269 H  HB   . VAL A 1 15 ? -8.109  -1.535  0.793   1.00 49.27 ? 15  VAL A HB   1 
ATOM   270 H  HG11 . VAL A 1 15 ? -9.259  -1.147  2.776   1.00 51.83 ? 15  VAL A HG11 1 
ATOM   271 H  HG12 . VAL A 1 15 ? -8.576  -2.582  2.807   1.00 51.83 ? 15  VAL A HG12 1 
ATOM   272 H  HG13 . VAL A 1 15 ? -7.917  -1.371  3.597   1.00 51.83 ? 15  VAL A HG13 1 
ATOM   273 H  HG21 . VAL A 1 15 ? -8.268  0.669   1.511   1.00 46.63 ? 15  VAL A HG21 1 
ATOM   274 H  HG22 . VAL A 1 15 ? -6.886  0.516   2.280   1.00 46.63 ? 15  VAL A HG22 1 
ATOM   275 H  HG23 . VAL A 1 15 ? -6.923  0.452   0.693   1.00 46.63 ? 15  VAL A HG23 1 
ATOM   276 N  N    . LYS A 1 16 ? -5.774  -4.286  2.351   1.00 50.77 ? 16  LYS A N    1 
ATOM   277 C  CA   . LYS A 1 16 ? -5.890  -5.745  2.420   1.00 55.58 ? 16  LYS A CA   1 
ATOM   278 C  C    . LYS A 1 16 ? -6.737  -6.145  3.609   1.00 58.06 ? 16  LYS A C    1 
ATOM   279 O  O    . LYS A 1 16 ? -6.299  -6.084  4.760   1.00 55.71 ? 16  LYS A O    1 
ATOM   280 C  CB   . LYS A 1 16 ? -4.525  -6.430  2.521   1.00 54.81 ? 16  LYS A CB   1 
ATOM   281 C  CG   . LYS A 1 16 ? -4.646  -7.924  2.805   1.00 59.00 ? 16  LYS A CG   1 
ATOM   282 C  CD   . LYS A 1 16 ? -3.520  -8.746  2.184   1.00 61.99 ? 16  LYS A CD   1 
ATOM   283 C  CE   . LYS A 1 16 ? -2.462  -9.139  3.212   1.00 61.76 ? 16  LYS A CE   1 
ATOM   284 N  NZ   . LYS A 1 16 ? -1.711  -10.353 2.777   1.00 62.77 ? 16  LYS A NZ   1 
ATOM   285 H  H    . LYS A 1 16 ? -5.221  -3.952  2.918   1.00 60.93 ? 16  LYS A H    1 
ATOM   286 H  HA   . LYS A 1 16 ? -6.329  -6.066  1.617   1.00 66.70 ? 16  LYS A HA   1 
ATOM   287 H  HB2  . LYS A 1 16 ? -4.053  -6.322  1.680   1.00 65.77 ? 16  LYS A HB2  1 
ATOM   288 H  HB3  . LYS A 1 16 ? -4.018  -6.026  3.243   1.00 65.77 ? 16  LYS A HB3  1 
ATOM   289 H  HG2  . LYS A 1 16 ? -4.623  -8.063  3.765   1.00 70.80 ? 16  LYS A HG2  1 
ATOM   290 H  HG3  . LYS A 1 16 ? -5.486  -8.246  2.443   1.00 70.80 ? 16  LYS A HG3  1 
ATOM   291 H  HD2  . LYS A 1 16 ? -3.890  -9.559  1.806   1.00 74.39 ? 16  LYS A HD2  1 
ATOM   292 H  HD3  . LYS A 1 16 ? -3.087  -8.223  1.491   1.00 74.39 ? 16  LYS A HD3  1 
ATOM   293 H  HE2  . LYS A 1 16 ? -1.830  -8.411  3.317   1.00 74.11 ? 16  LYS A HE2  1 
ATOM   294 H  HE3  . LYS A 1 16 ? -2.894  -9.334  4.058   1.00 74.11 ? 16  LYS A HE3  1 
ATOM   295 H  HZ1  . LYS A 1 16 ? -2.271  -11.037 2.677   1.00 75.32 ? 16  LYS A HZ1  1 
ATOM   296 H  HZ2  . LYS A 1 16 ? -1.099  -10.567 3.387   1.00 75.32 ? 16  LYS A HZ2  1 
ATOM   297 H  HZ3  . LYS A 1 16 ? -1.303  -10.197 2.001   1.00 75.32 ? 16  LYS A HZ3  1 
HETATM 298 CL CL   . CL  B 2 .  ? 10.950  0.168   -12.000 0.50 57.46 ? 101 CL  A CL   1 
HETATM 299 S  S    . SO4 C 3 .  ? 6.782   4.343   -11.921 0.50 48.84 ? 102 SO4 A S    1 
HETATM 300 O  O1   . SO4 C 3 .  ? 6.177   3.060   -11.565 0.50 39.14 ? 102 SO4 A O1   1 
HETATM 301 O  O2   . SO4 C 3 .  ? 7.842   4.681   -10.978 0.50 36.09 ? 102 SO4 A O2   1 
HETATM 302 O  O3   . SO4 C 3 .  ? 7.357   4.246   -13.258 0.50 41.15 ? 102 SO4 A O3   1 
HETATM 303 O  O4   . SO4 C 3 .  ? 5.765   5.391   -11.895 0.50 37.06 ? 102 SO4 A O4   1 
HETATM 304 NA NA   . NA  D 4 .  ? 3.841   7.090   -11.852 0.04 35.84 ? 103 NA  A NA   1 
# 
loop_
_atom_site_anisotrop.id 
_atom_site_anisotrop.type_symbol 
_atom_site_anisotrop.pdbx_label_atom_id 
_atom_site_anisotrop.pdbx_label_alt_id 
_atom_site_anisotrop.pdbx_label_comp_id 
_atom_site_anisotrop.pdbx_label_asym_id 
_atom_site_anisotrop.pdbx_label_seq_id 
_atom_site_anisotrop.pdbx_PDB_ins_code 
_atom_site_anisotrop.U[1][1] 
_atom_site_anisotrop.U[2][2] 
_atom_site_anisotrop.U[3][3] 
_atom_site_anisotrop.U[1][2] 
_atom_site_anisotrop.U[1][3] 
_atom_site_anisotrop.U[2][3] 
_atom_site_anisotrop.pdbx_auth_seq_id 
_atom_site_anisotrop.pdbx_auth_comp_id 
_atom_site_anisotrop.pdbx_auth_asym_id 
_atom_site_anisotrop.pdbx_auth_atom_id 
1   N N   . ORN A 1  ? 0.6766 0.6578 1.0854 -0.2557 0.0291  0.1696  1  ORN A N   
2   C CA  . ORN A 1  ? 0.6538 0.5654 1.0220 -0.2470 0.0115  0.1423  1  ORN A CA  
3   C CB  . ORN A 1  ? 0.6523 0.5485 1.0294 -0.2564 -0.0212 0.1085  1  ORN A CB  
4   C CG  . ORN A 1  ? 0.7368 0.6094 1.1418 -0.2844 -0.0466 0.1082  1  ORN A CG  
5   C CD  . ORN A 1  ? 0.7621 0.5582 1.1366 -0.2829 -0.0685 0.0834  1  ORN A CD  
6   N NE  . ORN A 1  ? 0.7515 0.5247 1.0902 -0.2637 -0.0794 0.0447  1  ORN A NE  
7   C C   . ORN A 1  ? 0.6170 0.5229 0.9418 -0.2153 0.0287  0.1369  1  ORN A C   
8   O O   . ORN A 1  ? 0.6246 0.5776 0.9488 -0.1999 0.0508  0.1508  1  ORN A O   
20  N N   . TYR A 2  ? 0.6266 0.4714 0.9132 -0.2027 0.0173  0.1150  2  TYR A N   
21  C CA  . TYR A 2  ? 0.5799 0.4110 0.8243 -0.1716 0.0291  0.1093  2  TYR A CA  
22  C C   . TYR A 2  ? 0.5455 0.3911 0.7891 -0.1590 0.0199  0.0832  2  TYR A C   
23  O O   . TYR A 2  ? 0.5643 0.3939 0.8146 -0.1681 -0.0034 0.0539  2  TYR A O   
24  C CB  . TYR A 2  ? 0.6217 0.3857 0.8254 -0.1611 0.0219  0.0996  2  TYR A CB  
25  C CG  . TYR A 2  ? 0.6531 0.3990 0.8466 -0.1706 0.0312  0.1253  2  TYR A CG  
26  C CD1 . TYR A 2  ? 0.6613 0.4435 0.8517 -0.1691 0.0547  0.1553  2  TYR A CD1 
27  C CD2 . TYR A 2  ? 0.7015 0.3951 0.8869 -0.1799 0.0170  0.1183  2  TYR A CD2 
28  C CE1 . TYR A 2  ? 0.7194 0.4846 0.8966 -0.1795 0.0632  0.1776  2  TYR A CE1 
29  C CE2 . TYR A 2  ? 0.7729 0.4496 0.9500 -0.1908 0.0248  0.1424  2  TYR A CE2 
30  C CZ  . TYR A 2  ? 0.7721 0.4839 0.9436 -0.1919 0.0478  0.1723  2  TYR A CZ  
31  O OH  . TYR A 2  ? 0.8411 0.5352 1.0005 -0.2039 0.0562  0.1957  2  TYR A OH  
41  N N   A LEU A 3  ? 0.4707 0.3439 0.6992 -0.1362 0.0375  0.0923  3  LEU A N   
42  N N   B LEU A 3  ? 0.4680 0.3439 0.6985 -0.1369 0.0373  0.0923  3  LEU A N   
43  C CA  A LEU A 3  ? 0.4461 0.3394 0.6527 -0.1165 0.0286  0.0659  3  LEU A CA  
44  C CA  B LEU A 3  ? 0.4458 0.3389 0.6533 -0.1175 0.0274  0.0644  3  LEU A CA  
45  C C   A LEU A 3  ? 0.4546 0.2974 0.6166 -0.0927 0.0247  0.0481  3  LEU A C   
46  C C   B LEU A 3  ? 0.4550 0.2967 0.6182 -0.0938 0.0243  0.0479  3  LEU A C   
47  O O   A LEU A 3  ? 0.4860 0.3005 0.6247 -0.0773 0.0376  0.0664  3  LEU A O   
48  O O   B LEU A 3  ? 0.4768 0.2890 0.6183 -0.0797 0.0373  0.0668  3  LEU A O   
49  C CB  A LEU A 3  ? 0.4196 0.3691 0.6191 -0.0978 0.0444  0.0816  3  LEU A CB  
50  C CB  B LEU A 3  ? 0.4199 0.3709 0.6202 -0.0987 0.0412  0.0772  3  LEU A CB  
51  C CG  A LEU A 3  ? 0.4164 0.4164 0.6608 -0.1134 0.0600  0.1095  3  LEU A CG  
52  C CG  B LEU A 3  ? 0.3922 0.3563 0.5574 -0.0750 0.0297  0.0540  3  LEU A CG  
53  C CD1 A LEU A 3  ? 0.3900 0.4301 0.6154 -0.0851 0.0790  0.1245  3  LEU A CD1 
54  C CD1 B LEU A 3  ? 0.3906 0.3659 0.5665 -0.0905 0.0056  0.0235  3  LEU A CD1 
55  C CD2 A LEU A 3  ? 0.4001 0.4378 0.6943 -0.1402 0.0405  0.0981  3  LEU A CD2 
56  C CD2 B LEU A 3  ? 0.3465 0.3591 0.5045 -0.0553 0.0387  0.0683  3  LEU A CD2 
79  N N   . LEU A 4  ? 0.3830 0.2153 0.5330 -0.0893 0.0069  0.0137  4  LEU A N   
80  C CA  . LEU A 4  ? 0.3783 0.1713 0.4941 -0.0654 0.0052  -0.0030 4  LEU A CA  
81  C C   . LEU A 4  ? 0.3662 0.1871 0.4585 -0.0504 -0.0031 -0.0304 4  LEU A C   
82  O O   . LEU A 4  ? 0.3491 0.2015 0.4492 -0.0637 -0.0149 -0.0466 4  LEU A O   
83  C CB  . LEU A 4  ? 0.4288 0.1606 0.5501 -0.0740 -0.0059 -0.0187 4  LEU A CB  
84  C CG  . LEU A 4  ? 0.4965 0.2076 0.6258 -0.0916 -0.0041 0.0057  4  LEU A CG  
85  C CD1 . LEU A 4  ? 0.5223 0.2399 0.6879 -0.1233 -0.0188 -0.0005 4  LEU A CD1 
86  C CD2 . LEU A 4  ? 0.5448 0.2082 0.6411 -0.0790 -0.0073 0.0005  4  LEU A CD2 
98  N N   . PHI A 5  ? 0.3566 0.1653 0.4212 -0.0241 0.0019  -0.0323 5  PHI A N   
99  C CA  . PHI A 5  ? 0.3798 0.2080 0.4213 -0.0087 -0.0038 -0.0568 5  PHI A CA  
100 C CB  . PHI A 5  ? 0.3239 0.1824 0.3440 0.0140  0.0009  -0.0386 5  PHI A CB  
101 C CG  . PHI A 5  ? 0.3252 0.2354 0.3479 0.0086  -0.0022 -0.0222 5  PHI A CG  
102 C CD1 . PHI A 5  ? 0.2469 0.1811 0.2499 0.0283  -0.0044 -0.0050 5  PHI A CD1 
103 C CD2 . PHI A 5  ? 0.3376 0.2704 0.3846 -0.0140 -0.0057 -0.0227 5  PHI A CD2 
104 C CE1 . PHI A 5  ? 0.2767 0.2520 0.2820 0.0269  -0.0102 0.0073  5  PHI A CE1 
105 C CE2 . PHI A 5  ? 0.3128 0.2926 0.3670 -0.0153 -0.0088 -0.0091 5  PHI A CE2 
106 C CZ  . PHI A 5  ? 0.2855 0.2861 0.3168 0.0068  -0.0113 0.0048  5  PHI A CZ  
107 I I   . PHI A 5  ? 0.1597 0.2260 0.2033 0.0100  -0.0216 0.0223  5  PHI A I   
108 C C   . PHI A 5  ? 0.3848 0.1644 0.4209 0.0024  -0.0044 -0.0780 5  PHI A C   
109 O O   . PHI A 5  ? 0.3950 0.1364 0.4298 0.0073  0.0002  -0.0607 5  PHI A O   
118 N N   . TYR A 6  ? 0.3930 0.1803 0.4147 0.0072  -0.0103 -0.1114 6  TYR A N   
119 C CA  . TYR A 6  ? 0.4380 0.1949 0.4453 0.0218  -0.0068 -0.1273 6  TYR A CA  
120 C C   . TYR A 6  ? 0.4156 0.2082 0.3991 0.0371  -0.0031 -0.1491 6  TYR A C   
121 O O   . TYR A 6  ? 0.3896 0.2232 0.3639 0.0322  -0.0089 -0.1582 6  TYR A O   
122 C CB  . TYR A 6  ? 0.4809 0.1986 0.4935 0.0045  -0.0173 -0.1431 6  TYR A CB  
123 C CG  . TYR A 6  ? 0.5042 0.2359 0.5105 -0.0114 -0.0317 -0.1723 6  TYR A CG  
124 C CD1 . TYR A 6  ? 0.4912 0.2415 0.5201 -0.0377 -0.0442 -0.1672 6  TYR A CD1 
125 C CD2 . TYR A 6  ? 0.5589 0.2879 0.5349 -0.0014 -0.0326 -0.2015 6  TYR A CD2 
126 C CE1 . TYR A 6  ? 0.5260 0.2918 0.5443 -0.0546 -0.0608 -0.1887 6  TYR A CE1 
127 C CE2 . TYR A 6  ? 0.5889 0.3280 0.5479 -0.0166 -0.0472 -0.2242 6  TYR A CE2 
128 C CZ  . TYR A 6  ? 0.5990 0.3558 0.5778 -0.0437 -0.0629 -0.2168 6  TYR A CZ  
129 O OH  . TYR A 6  ? 0.6259 0.3921 0.5857 -0.0603 -0.0797 -0.2341 6  TYR A OH  
139 N N   . VAL A 7  ? 0.4392 0.2208 0.4118 0.0541  0.0073  -0.1547 7  VAL A N   
140 C CA  . VAL A 7  ? 0.4428 0.2611 0.3954 0.0678  0.0151  -0.1703 7  VAL A CA  
141 C C   . VAL A 7  ? 0.5305 0.3333 0.4614 0.0635  0.0109  -0.2042 7  VAL A C   
142 O O   . VAL A 7  ? 0.5736 0.3316 0.5072 0.0656  0.0103  -0.2146 7  VAL A O   
143 C CB  . VAL A 7  ? 0.4335 0.2560 0.3946 0.0888  0.0311  -0.1550 7  VAL A CB  
144 C CG1 . VAL A 7  ? 0.4447 0.3141 0.3903 0.1004  0.0401  -0.1659 7  VAL A CG1 
145 C CG2 . VAL A 7  ? 0.3834 0.2124 0.3648 0.0899  0.0326  -0.1181 7  VAL A CG2 
155 N N   . GLU A 8  ? 0.6732 0.5111 0.5790 0.0569  0.0062  -0.2190 8  GLU A N   
156 C CA  . GLU A 8  ? 0.7620 0.5848 0.6371 0.0547  0.0029  -0.2494 8  GLU A CA  
157 C C   . GLU A 8  ? 0.7604 0.6261 0.6079 0.0688  0.0173  -0.2539 8  GLU A C   
158 O O   . GLU A 8  ? 0.7312 0.6416 0.5645 0.0600  0.0131  -0.2446 8  GLU A O   
159 C CB  . GLU A 8  ? 0.7849 0.6014 0.6501 0.0274  -0.0196 -0.2601 8  GLU A CB  
160 C CG  . GLU A 8  ? 0.8820 0.6575 0.7189 0.0214  -0.0295 -0.2911 8  GLU A CG  
161 C CD  . GLU A 8  ? 0.9302 0.6512 0.7915 0.0051  -0.0461 -0.2952 8  GLU A CD  
162 O OE1 . GLU A 8  ? 0.9425 0.6235 0.8117 0.0175  -0.0405 -0.3020 8  GLU A OE1 
163 O OE2 . GLU A 8  ? 0.9125 0.6332 0.7881 -0.0216 -0.0657 -0.2890 8  GLU A OE2 
170 N N   . ORN A 9  ? 0.6773 0.7356 0.4995 0.1043  0.0638  -0.2037 9  ORN A N   
171 C CA  . ORN A 9  ? 0.6234 0.6398 0.4560 0.0919  0.0474  -0.2085 9  ORN A CA  
172 C CB  . ORN A 9  ? 0.5960 0.5665 0.4591 0.1054  0.0546  -0.2112 9  ORN A CB  
173 C CG  . ORN A 9  ? 0.6862 0.6193 0.5377 0.1186  0.0666  -0.2405 9  ORN A CG  
174 C CD  . ORN A 9  ? 0.7569 0.6495 0.5785 0.1046  0.0520  -0.2699 9  ORN A CD  
175 N NE  . ORN A 9  ? 0.7581 0.6107 0.6014 0.0904  0.0347  -0.2657 9  ORN A NE  
176 C C   . ORN A 9  ? 0.5544 0.5978 0.4019 0.0783  0.0315  -0.1803 9  ORN A C   
177 O O   . ORN A 9  ? 0.5390 0.6252 0.3953 0.0810  0.0312  -0.1540 9  ORN A O   
189 N N   . LYS A 10 ? 0.4558 0.4719 0.3082 0.0626  0.0161  -0.1855 10 LYS A N   
190 C CA  . LYS A 10 ? 0.3947 0.4323 0.2618 0.0507  0.0019  -0.1615 10 LYS A CA  
191 C C   . LYS A 10 ? 0.3777 0.3748 0.2693 0.0509  -0.0010 -0.1629 10 LYS A C   
192 O O   . LYS A 10 ? 0.4611 0.4116 0.3578 0.0523  0.0025  -0.1819 10 LYS A O   
193 C CB  . LYS A 10 ? 0.4675 0.5219 0.3191 0.0273  -0.0152 -0.1615 10 LYS A CB  
194 C CG  . LYS A 10 ? 0.5132 0.5282 0.3548 0.0128  -0.0253 -0.1889 10 LYS A CG  
195 C CD  . LYS A 10 ? 0.5072 0.5369 0.3435 -0.0109 -0.0461 -0.1806 10 LYS A CD  
196 C CE  . LYS A 10 ? 0.5288 0.5184 0.3576 -0.0278 -0.0613 -0.2048 10 LYS A CE  
197 N NZ  . LYS A 10 ? 0.6389 0.6010 0.4254 -0.0230 -0.0583 -0.2323 10 LYS A NZ  
211 N N   . VAL A 11 ? 0.3161 0.3267 0.2219 0.0499  -0.0081 -0.1401 11 VAL A N   
212 C CA  . VAL A 11 ? 0.3412 0.3138 0.2722 0.0437  -0.0110 -0.1319 11 VAL A CA  
213 C C   . VAL A 11 ? 0.3418 0.3192 0.2776 0.0164  -0.0258 -0.1405 11 VAL A C   
214 O O   . VAL A 11 ? 0.3207 0.3403 0.2506 0.0053  -0.0375 -0.1315 11 VAL A O   
215 C CB  . VAL A 11 ? 0.2882 0.2673 0.2322 0.0527  -0.0103 -0.0922 11 VAL A CB  
216 C CG1 . VAL A 11 ? 0.3026 0.2504 0.2688 0.0419  -0.0108 -0.0768 11 VAL A CG1 
217 C CG2 . VAL A 11 ? 0.2530 0.2183 0.1995 0.0774  0.0003  -0.0829 11 VAL A CG2 
227 N N   . ALA A 12 ? 0.3699 0.3033 0.3205 0.0049  -0.0282 -0.1562 12 ALA A N   
228 C CA  . ALA A 12 ? 0.3893 0.3228 0.3527 -0.0229 -0.0446 -0.1636 12 ALA A CA  
229 C C   . ALA A 12 ? 0.3633 0.2810 0.3660 -0.0352 -0.0426 -0.1365 12 ALA A C   
230 O O   . ALA A 12 ? 0.3490 0.2320 0.3621 -0.0247 -0.0308 -0.1242 12 ALA A O   
231 C CB  . ALA A 12 ? 0.4312 0.3266 0.3795 -0.0298 -0.0536 -0.2002 12 ALA A CB  
237 N N   . MAA A 13 ? 0.3681 0.3122 0.3935 -0.0577 -0.0539 -0.1260 13 MAA A N   
238 C CM  . MAA A 13 ? 0.3673 0.3479 0.3827 -0.0727 -0.0729 -0.1399 13 MAA A CM  
239 C CA  . MAA A 13 ? 0.3362 0.2719 0.4020 -0.0712 -0.0488 -0.0998 13 MAA A CA  
240 C CB  . MAA A 13 ? 0.3177 0.3084 0.4026 -0.0758 -0.0492 -0.0745 13 MAA A CB  
241 C C   . MAA A 13 ? 0.4026 0.3064 0.4936 -0.0978 -0.0629 -0.1126 13 MAA A C   
242 O O   . MAA A 13 ? 0.4249 0.3271 0.5070 -0.1114 -0.0828 -0.1388 13 MAA A O   
250 N N   . ALA A 14 ? 0.3961 0.2721 0.5167 -0.1064 -0.0550 -0.0923 14 ALA A N   
251 C CA  . ALA A 14 ? 0.4412 0.2906 0.5955 -0.1360 -0.0714 -0.0953 14 ALA A CA  
252 C C   . ALA A 14 ? 0.4570 0.3150 0.6542 -0.1498 -0.0579 -0.0552 14 ALA A C   
253 O O   . ALA A 14 ? 0.4784 0.3413 0.6683 -0.1328 -0.0351 -0.0311 14 ALA A O   
254 C CB  . ALA A 14 ? 0.4989 0.2806 0.6352 -0.1327 -0.0820 -0.1238 14 ALA A CB  
260 N N   . VAL A 15 ? 0.4552 0.3178 0.6957 -0.1815 -0.0729 -0.0468 15 VAL A N   
261 C CA  . VAL A 15 ? 0.4598 0.3334 0.7361 -0.1958 -0.0583 -0.0083 15 VAL A CA  
262 C C   . VAL A 15 ? 0.5359 0.3618 0.8145 -0.2126 -0.0727 -0.0125 15 VAL A C   
263 O O   . VAL A 15 ? 0.5746 0.4043 0.8668 -0.2312 -0.0936 -0.0231 15 VAL A O   
264 C CB  . VAL A 15 ? 0.4333 0.3771 0.7498 -0.2094 -0.0549 0.0132  15 VAL A CB  
265 C CG1 . VAL A 15 ? 0.4438 0.4052 0.7919 -0.2192 -0.0342 0.0519  15 VAL A CG1 
266 C CG2 . VAL A 15 ? 0.3914 0.3844 0.7006 -0.1896 -0.0446 0.0146  15 VAL A CG2 
276 N N   . LYS A 16 ? 0.6286 0.4086 0.8919 -0.2051 -0.0640 -0.0045 16 LYS A N   
277 C CA  . LYS A 16 ? 0.7042 0.4375 0.9701 -0.2189 -0.0783 -0.0067 16 LYS A CA  
278 C C   . LYS A 16 ? 0.7195 0.4687 1.0177 -0.2369 -0.0657 0.0343  16 LYS A C   
279 O O   . LYS A 16 ? 0.6966 0.4385 0.9817 -0.2268 -0.0448 0.0563  16 LYS A O   
280 C CB  . LYS A 16 ? 0.7277 0.4016 0.9533 -0.1970 -0.0787 -0.0264 16 LYS A CB  
281 C CG  . LYS A 16 ? 0.7933 0.4220 1.0263 -0.2103 -0.0922 -0.0231 16 LYS A CG  
282 C CD  . LYS A 16 ? 0.8606 0.4356 1.0593 -0.1910 -0.1041 -0.0581 16 LYS A CD  
283 C CE  . LYS A 16 ? 0.8744 0.4192 1.0529 -0.1726 -0.0894 -0.0471 16 LYS A CE  
284 N NZ  . LYS A 16 ? 0.9092 0.4028 1.0728 -0.1627 -0.1046 -0.0726 16 LYS A NZ  
# 
